data_9C5L
#
_entry.id   9C5L
#
_cell.length_a   119.720
_cell.length_b   80.300
_cell.length_c   122.650
_cell.angle_alpha   90.000
_cell.angle_beta   107.580
_cell.angle_gamma   90.000
#
_symmetry.space_group_name_H-M   'C 1 2 1'
#
loop_
_entity.id
_entity.type
_entity.pdbx_description
1 polymer 'Hydroxybutyrate dehydrogenase'
2 non-polymer 'MALONATE ION'
3 non-polymer '1,4-DIHYDRONICOTINAMIDE ADENINE DINUCLEOTIDE'
4 non-polymer 1,2-ETHANEDIOL
5 water water
#
_entity_poly.entity_id   1
_entity_poly.type   'polypeptide(L)'
_entity_poly.pdbx_seq_one_letter_code
;GPHMMSGEKRVLSGRVAVVTGSTSGIGLGIAMRLAMAGADVVLNGRRQSPEDSAIVEKVAAYGTRVRYFAANMKDRAQVE
ALIKFTEKELGAVEILVNNAGIQHVSPVETFPSDKWDEIIALNLTSAFHATQLCLPSMRQRGWGRIINIASVQGLVGSMN
KSAYCAAKHGLIGFTKVVALETATTGITCNAICPGYVYTPLVEEQIKAVAEAKYGGDMEAATQAFLCEKQPAKAFVTVEQ
VGDAAVFLASPGADMIRGTTITVDGGWVAQ
;
_entity_poly.pdbx_strand_id   A,B,C,D
#
loop_
_chem_comp.id
_chem_comp.type
_chem_comp.name
_chem_comp.formula
EDO non-polymer 1,2-ETHANEDIOL 'C2 H6 O2'
MLI non-polymer 'MALONATE ION' 'C3 H2 O4 -2'
NAI non-polymer '1,4-DIHYDRONICOTINAMIDE ADENINE DINUCLEOTIDE' 'C21 H29 N7 O14 P2'
#
# COMPACT_ATOMS: atom_id res chain seq x y z
N ARG A 10 10.39 16.87 30.46
CA ARG A 10 9.73 16.78 29.16
C ARG A 10 9.87 15.37 28.58
N VAL A 11 9.08 15.08 27.54
CA VAL A 11 8.86 13.69 27.16
C VAL A 11 10.15 12.99 26.74
N LEU A 12 11.10 13.72 26.13
CA LEU A 12 12.35 13.12 25.69
C LEU A 12 13.52 13.53 26.57
N SER A 13 13.25 14.04 27.77
CA SER A 13 14.32 14.52 28.63
C SER A 13 15.34 13.43 28.88
N GLY A 14 16.61 13.76 28.70
CA GLY A 14 17.69 12.83 28.90
C GLY A 14 18.09 12.02 27.68
N ARG A 15 17.24 11.95 26.66
CA ARG A 15 17.59 11.15 25.50
C ARG A 15 18.58 11.89 24.61
N VAL A 16 19.54 11.15 24.07
CA VAL A 16 20.54 11.70 23.17
C VAL A 16 20.15 11.38 21.74
N ALA A 17 20.00 12.43 20.92
CA ALA A 17 19.59 12.29 19.53
C ALA A 17 20.70 12.80 18.61
N VAL A 18 20.82 12.11 17.46
CA VAL A 18 21.67 12.55 16.36
C VAL A 18 20.76 12.76 15.16
N VAL A 19 20.83 13.94 14.55
CA VAL A 19 20.04 14.23 13.33
C VAL A 19 21.04 14.52 12.21
N THR A 20 21.10 13.65 11.21
CA THR A 20 22.00 13.93 10.09
C THR A 20 21.39 15.03 9.22
N GLY A 21 22.26 15.86 8.65
CA GLY A 21 21.82 16.91 7.76
C GLY A 21 20.87 17.89 8.42
N SER A 22 21.25 18.38 9.61
CA SER A 22 20.37 19.20 10.44
C SER A 22 20.84 20.66 10.50
N THR A 23 21.58 21.12 9.51
CA THR A 23 21.98 22.52 9.45
C THR A 23 21.01 23.37 8.66
N SER A 24 19.98 22.75 8.06
CA SER A 24 19.04 23.44 7.20
C SER A 24 17.73 22.67 7.18
N GLY A 25 16.67 23.37 6.80
CA GLY A 25 15.43 22.73 6.36
C GLY A 25 14.84 21.74 7.36
N ILE A 26 14.41 20.58 6.84
CA ILE A 26 13.69 19.64 7.68
C ILE A 26 14.55 19.12 8.82
N GLY A 27 15.83 18.83 8.56
CA GLY A 27 16.69 18.34 9.63
C GLY A 27 16.81 19.30 10.79
N LEU A 28 16.95 20.59 10.49
CA LEU A 28 17.00 21.58 11.54
C LEU A 28 15.67 21.67 12.27
N GLY A 29 14.56 21.60 11.55
CA GLY A 29 13.27 21.62 12.23
C GLY A 29 13.09 20.43 13.17
N ILE A 30 13.55 19.27 12.75
CA ILE A 30 13.48 18.09 13.60
C ILE A 30 14.35 18.27 14.83
N ALA A 31 15.59 18.74 14.64
CA ALA A 31 16.46 18.95 15.79
C ALA A 31 15.81 19.91 16.78
N MET A 32 15.23 20.99 16.26
N MET A 32 15.22 20.99 16.28
CA MET A 32 14.55 21.97 17.10
CA MET A 32 14.58 21.95 17.17
C MET A 32 13.43 21.32 17.92
C MET A 32 13.40 21.35 17.92
N ARG A 33 12.56 20.55 17.24
CA ARG A 33 11.41 19.96 17.95
C ARG A 33 11.85 18.89 18.95
N LEU A 34 12.87 18.11 18.60
CA LEU A 34 13.41 17.14 19.56
C LEU A 34 13.96 17.83 20.79
N ALA A 35 14.70 18.95 20.60
CA ALA A 35 15.22 19.69 21.75
C ALA A 35 14.07 20.29 22.56
N MET A 36 13.05 20.80 21.89
CA MET A 36 11.90 21.34 22.61
C MET A 36 11.26 20.29 23.49
N ALA A 37 11.26 19.02 23.02
CA ALA A 37 10.72 17.89 23.77
C ALA A 37 11.67 17.37 24.84
N GLY A 38 12.85 17.97 25.01
CA GLY A 38 13.76 17.61 26.08
C GLY A 38 15.01 16.88 25.67
N ALA A 39 15.14 16.48 24.40
CA ALA A 39 16.31 15.71 24.01
C ALA A 39 17.56 16.57 23.88
N ASP A 40 18.70 15.97 24.20
CA ASP A 40 20.01 16.49 23.81
C ASP A 40 20.22 16.12 22.34
N VAL A 41 20.86 17.01 21.58
CA VAL A 41 20.89 16.84 20.13
C VAL A 41 22.28 17.12 19.57
N VAL A 42 22.73 16.22 18.69
CA VAL A 42 23.91 16.44 17.87
C VAL A 42 23.47 16.82 16.45
N LEU A 43 23.92 17.98 16.00
CA LEU A 43 23.67 18.50 14.67
C LEU A 43 24.79 18.07 13.73
N ASN A 44 24.49 18.07 12.45
CA ASN A 44 25.45 17.62 11.45
C ASN A 44 25.18 18.30 10.11
N GLY A 45 26.26 18.70 9.45
CA GLY A 45 26.19 19.11 8.06
C GLY A 45 27.37 18.54 7.31
N ARG A 46 27.30 18.66 5.98
CA ARG A 46 28.32 18.07 5.13
C ARG A 46 29.69 18.61 5.46
N ARG A 47 29.80 19.92 5.65
CA ARG A 47 31.07 20.54 5.98
C ARG A 47 30.81 21.76 6.85
N GLN A 48 31.85 22.16 7.58
CA GLN A 48 31.76 23.35 8.41
C GLN A 48 31.37 24.56 7.58
N SER A 49 30.53 25.41 8.15
CA SER A 49 30.06 26.64 7.53
C SER A 49 30.13 27.77 8.53
N PRO A 50 30.15 29.02 8.05
CA PRO A 50 30.18 30.16 8.98
C PRO A 50 28.96 30.25 9.88
N GLU A 51 27.85 29.64 9.50
CA GLU A 51 26.59 29.74 10.25
C GLU A 51 26.44 28.68 11.34
N ASP A 52 27.45 27.83 11.55
CA ASP A 52 27.23 26.67 12.42
C ASP A 52 26.89 27.09 13.86
N SER A 53 27.60 28.08 14.41
CA SER A 53 27.33 28.47 15.80
C SER A 53 25.92 29.05 15.94
N ALA A 54 25.44 29.79 14.93
CA ALA A 54 24.07 30.31 15.01
C ALA A 54 23.03 29.18 15.01
N ILE A 55 23.27 28.13 14.24
CA ILE A 55 22.37 26.97 14.22
C ILE A 55 22.39 26.26 15.58
N VAL A 56 23.59 26.10 16.16
CA VAL A 56 23.65 25.54 17.50
C VAL A 56 22.84 26.38 18.47
N GLU A 57 22.96 27.72 18.39
CA GLU A 57 22.22 28.59 19.29
C GLU A 57 20.71 28.42 19.12
N LYS A 58 20.27 28.28 17.87
CA LYS A 58 18.83 28.08 17.60
C LYS A 58 18.33 26.83 18.30
N VAL A 59 19.07 25.73 18.18
CA VAL A 59 18.62 24.48 18.80
C VAL A 59 18.77 24.55 20.32
N ALA A 60 19.82 25.22 20.83
CA ALA A 60 20.05 25.30 22.27
C ALA A 60 19.09 26.21 22.98
N ALA A 61 18.28 26.98 22.24
CA ALA A 61 17.32 27.85 22.90
C ALA A 61 16.37 27.09 23.83
N TYR A 62 16.24 25.76 23.67
CA TYR A 62 15.30 24.98 24.44
C TYR A 62 15.92 24.35 25.69
N GLY A 63 17.13 24.74 26.06
CA GLY A 63 17.68 24.38 27.35
C GLY A 63 18.24 22.98 27.48
N THR A 64 18.58 22.33 26.38
CA THR A 64 19.21 21.02 26.41
C THR A 64 20.65 21.12 25.91
N ARG A 65 21.36 20.01 25.95
CA ARG A 65 22.74 19.97 25.48
C ARG A 65 22.75 19.81 23.98
N VAL A 66 23.59 20.59 23.31
CA VAL A 66 23.66 20.59 21.86
C VAL A 66 25.11 20.49 21.44
N ARG A 67 25.38 19.73 20.40
CA ARG A 67 26.72 19.66 19.80
C ARG A 67 26.57 19.71 18.29
N TYR A 68 27.67 19.96 17.60
CA TYR A 68 27.71 19.99 16.14
C TYR A 68 28.92 19.21 15.66
N PHE A 69 28.74 18.40 14.60
CA PHE A 69 29.85 17.64 14.04
C PHE A 69 29.71 17.60 12.52
N ALA A 70 30.69 18.14 11.82
CA ALA A 70 30.72 18.11 10.36
C ALA A 70 31.16 16.73 9.89
N ALA A 71 30.37 16.13 8.99
CA ALA A 71 30.70 14.81 8.49
C ALA A 71 29.92 14.55 7.21
N ASN A 72 30.61 14.00 6.22
CA ASN A 72 30.01 13.63 4.94
C ASN A 72 29.39 12.24 5.10
N MET A 73 28.05 12.18 5.10
CA MET A 73 27.35 10.92 5.34
C MET A 73 27.53 9.90 4.21
N LYS A 74 28.09 10.31 3.08
CA LYS A 74 28.43 9.36 2.02
C LYS A 74 29.71 8.59 2.32
N ASP A 75 30.41 8.93 3.40
CA ASP A 75 31.67 8.30 3.77
C ASP A 75 31.43 7.54 5.08
N ARG A 76 31.43 6.20 5.00
CA ARG A 76 31.10 5.39 6.17
C ARG A 76 31.98 5.73 7.37
N ALA A 77 33.26 6.06 7.13
CA ALA A 77 34.15 6.38 8.23
C ALA A 77 33.75 7.69 8.93
N GLN A 78 33.22 8.65 8.17
CA GLN A 78 32.75 9.88 8.78
C GLN A 78 31.44 9.66 9.54
N VAL A 79 30.58 8.75 9.05
CA VAL A 79 29.39 8.37 9.83
C VAL A 79 29.83 7.79 11.17
N GLU A 80 30.80 6.87 11.13
CA GLU A 80 31.27 6.28 12.38
C GLU A 80 31.87 7.34 13.29
N ALA A 81 32.61 8.30 12.72
CA ALA A 81 33.19 9.37 13.52
C ALA A 81 32.10 10.21 14.18
N LEU A 82 31.01 10.48 13.45
CA LEU A 82 29.89 11.21 14.03
C LEU A 82 29.32 10.49 15.24
N ILE A 83 29.16 9.16 15.13
CA ILE A 83 28.60 8.38 16.23
C ILE A 83 29.55 8.39 17.42
N LYS A 84 30.84 8.17 17.17
CA LYS A 84 31.81 8.13 18.27
C LYS A 84 31.94 9.50 18.93
N PHE A 85 31.83 10.57 18.14
CA PHE A 85 31.84 11.91 18.72
C PHE A 85 30.68 12.09 19.65
N THR A 86 29.49 11.64 19.23
CA THR A 86 28.32 11.76 20.11
C THR A 86 28.52 10.97 21.39
N GLU A 87 29.04 9.76 21.26
CA GLU A 87 29.27 8.93 22.45
C GLU A 87 30.24 9.61 23.41
N LYS A 88 31.25 10.28 22.88
CA LYS A 88 32.23 10.95 23.74
C LYS A 88 31.64 12.19 24.42
N GLU A 89 30.88 12.98 23.67
CA GLU A 89 30.41 14.28 24.14
C GLU A 89 29.17 14.18 25.02
N LEU A 90 28.18 13.37 24.61
CA LEU A 90 26.87 13.36 25.23
C LEU A 90 26.47 12.00 25.80
N GLY A 91 26.88 10.91 25.17
CA GLY A 91 26.53 9.57 25.60
C GLY A 91 26.02 8.75 24.45
N ALA A 92 25.52 7.57 24.79
CA ALA A 92 25.04 6.64 23.79
C ALA A 92 23.97 7.27 22.92
N VAL A 93 24.02 6.95 21.62
CA VAL A 93 23.03 7.48 20.68
C VAL A 93 21.76 6.68 20.88
N GLU A 94 20.71 7.35 21.34
CA GLU A 94 19.43 6.71 21.62
C GLU A 94 18.39 6.96 20.54
N ILE A 95 18.40 8.15 19.94
CA ILE A 95 17.51 8.50 18.83
C ILE A 95 18.40 8.82 17.63
N LEU A 96 18.23 8.08 16.54
CA LEU A 96 18.96 8.33 15.30
C LEU A 96 17.94 8.77 14.27
N VAL A 97 18.12 9.98 13.74
CA VAL A 97 17.27 10.48 12.64
C VAL A 97 18.13 10.53 11.38
N ASN A 98 17.80 9.67 10.42
CA ASN A 98 18.49 9.65 9.13
C ASN A 98 17.75 10.60 8.22
N ASN A 99 18.33 11.78 8.00
CA ASN A 99 17.60 12.84 7.31
C ASN A 99 18.34 13.40 6.11
N ALA A 100 19.67 13.46 6.19
CA ALA A 100 20.41 14.12 5.12
C ALA A 100 19.96 13.56 3.77
N GLY A 101 19.64 14.45 2.84
CA GLY A 101 19.14 14.04 1.55
C GLY A 101 19.40 15.10 0.51
N ILE A 102 19.39 14.65 -0.76
CA ILE A 102 19.59 15.52 -1.92
C ILE A 102 18.59 15.11 -3.01
N GLN A 103 18.40 16.04 -3.96
CA GLN A 103 17.48 15.88 -5.08
C GLN A 103 18.18 16.29 -6.37
N HIS A 104 17.79 15.64 -7.47
CA HIS A 104 18.19 16.06 -8.81
C HIS A 104 17.05 15.74 -9.76
N VAL A 105 16.54 16.76 -10.44
CA VAL A 105 15.38 16.61 -11.34
C VAL A 105 15.90 16.43 -12.76
N SER A 106 15.47 15.34 -13.42
CA SER A 106 15.85 15.06 -14.78
C SER A 106 15.00 13.93 -15.33
N PRO A 107 14.65 13.93 -16.62
CA PRO A 107 14.04 12.74 -17.21
C PRO A 107 14.99 11.56 -17.11
N VAL A 108 14.43 10.35 -17.19
CA VAL A 108 15.23 9.16 -16.98
C VAL A 108 16.30 9.01 -18.06
N GLU A 109 15.97 9.36 -19.31
CA GLU A 109 16.89 9.07 -20.41
C GLU A 109 18.21 9.83 -20.27
N THR A 110 18.17 11.01 -19.69
CA THR A 110 19.36 11.86 -19.56
C THR A 110 19.83 11.98 -18.12
N PHE A 111 19.27 11.19 -17.21
CA PHE A 111 19.62 11.29 -15.80
C PHE A 111 21.11 10.95 -15.64
N PRO A 112 21.93 11.85 -15.10
CA PRO A 112 23.38 11.55 -15.03
C PRO A 112 23.66 10.40 -14.08
N SER A 113 24.59 9.53 -14.50
CA SER A 113 24.89 8.33 -13.71
C SER A 113 25.44 8.70 -12.33
N ASP A 114 26.32 9.70 -12.27
CA ASP A 114 26.91 10.07 -10.99
CA ASP A 114 26.90 10.06 -10.99
C ASP A 114 25.85 10.63 -10.03
N LYS A 115 24.87 11.36 -10.57
CA LYS A 115 23.81 11.89 -9.71
C LYS A 115 22.90 10.76 -9.22
N TRP A 116 22.55 9.81 -10.08
CA TRP A 116 21.83 8.64 -9.62
C TRP A 116 22.55 7.99 -8.45
N ASP A 117 23.86 7.71 -8.64
CA ASP A 117 24.63 7.01 -7.60
C ASP A 117 24.67 7.83 -6.31
N GLU A 118 24.82 9.14 -6.44
CA GLU A 118 24.92 9.98 -5.25
C GLU A 118 23.61 9.99 -4.48
N ILE A 119 22.47 10.04 -5.19
CA ILE A 119 21.18 10.03 -4.52
C ILE A 119 20.96 8.71 -3.80
N ILE A 120 21.32 7.60 -4.45
CA ILE A 120 21.17 6.31 -3.78
C ILE A 120 22.08 6.27 -2.56
N ALA A 121 23.30 6.76 -2.70
CA ALA A 121 24.27 6.66 -1.61
C ALA A 121 23.83 7.48 -0.40
N LEU A 122 23.33 8.69 -0.63
CA LEU A 122 23.01 9.53 0.52
C LEU A 122 21.62 9.24 1.06
N ASN A 123 20.63 9.12 0.15
CA ASN A 123 19.26 9.04 0.62
C ASN A 123 18.88 7.62 1.08
N LEU A 124 19.65 6.59 0.72
CA LEU A 124 19.36 5.23 1.18
C LEU A 124 20.54 4.59 1.91
N THR A 125 21.70 4.48 1.26
CA THR A 125 22.78 3.67 1.84
C THR A 125 23.34 4.31 3.12
N SER A 126 23.37 5.63 3.20
N SER A 126 23.37 5.63 3.20
CA SER A 126 23.90 6.26 4.41
CA SER A 126 23.89 6.27 4.41
C SER A 126 23.07 5.90 5.63
C SER A 126 23.06 5.91 5.63
N ALA A 127 21.74 5.79 5.46
CA ALA A 127 20.88 5.41 6.55
C ALA A 127 21.21 3.98 7.01
N PHE A 128 21.48 3.10 6.05
CA PHE A 128 21.90 1.73 6.40
C PHE A 128 23.17 1.77 7.24
N HIS A 129 24.17 2.56 6.82
CA HIS A 129 25.42 2.58 7.56
C HIS A 129 25.21 3.13 8.97
N ALA A 130 24.50 4.26 9.10
CA ALA A 130 24.29 4.82 10.43
C ALA A 130 23.49 3.88 11.32
N THR A 131 22.45 3.23 10.77
CA THR A 131 21.66 2.29 11.55
C THR A 131 22.50 1.11 12.02
N GLN A 132 23.32 0.56 11.11
CA GLN A 132 24.19 -0.55 11.48
C GLN A 132 25.13 -0.16 12.61
N LEU A 133 25.65 1.05 12.55
CA LEU A 133 26.58 1.47 13.59
C LEU A 133 25.90 1.75 14.93
N CYS A 134 24.64 2.16 14.92
CA CYS A 134 23.96 2.52 16.16
C CYS A 134 23.21 1.36 16.82
N LEU A 135 22.84 0.33 16.07
CA LEU A 135 21.99 -0.72 16.65
C LEU A 135 22.61 -1.45 17.82
N PRO A 136 23.90 -1.81 17.82
CA PRO A 136 24.41 -2.62 18.93
C PRO A 136 24.25 -1.94 20.29
N SER A 137 24.55 -0.65 20.40
CA SER A 137 24.38 0.04 21.67
C SER A 137 22.91 0.09 22.08
N MET A 138 22.01 0.35 21.11
CA MET A 138 20.59 0.37 21.41
C MET A 138 20.13 -0.98 21.96
N ARG A 139 20.57 -2.07 21.33
CA ARG A 139 20.23 -3.40 21.81
C ARG A 139 20.79 -3.65 23.20
N GLN A 140 22.03 -3.24 23.44
CA GLN A 140 22.61 -3.42 24.77
C GLN A 140 21.81 -2.70 25.84
N ARG A 141 21.33 -1.49 25.52
CA ARG A 141 20.59 -0.70 26.49
C ARG A 141 19.09 -0.99 26.49
N GLY A 142 18.58 -1.72 25.51
CA GLY A 142 17.19 -2.08 25.51
C GLY A 142 16.24 -0.99 25.09
N TRP A 143 16.73 0.03 24.42
CA TRP A 143 15.88 1.13 23.95
C TRP A 143 16.50 1.76 22.72
N GLY A 144 15.65 2.19 21.79
CA GLY A 144 16.17 2.94 20.66
C GLY A 144 15.05 3.46 19.78
N ARG A 145 15.37 4.51 19.05
CA ARG A 145 14.50 5.00 17.99
C ARG A 145 15.36 5.23 16.75
N ILE A 146 14.98 4.63 15.65
CA ILE A 146 15.54 4.97 14.35
C ILE A 146 14.41 5.57 13.52
N ILE A 147 14.57 6.81 13.12
CA ILE A 147 13.55 7.57 12.41
C ILE A 147 14.16 7.95 11.07
N ASN A 148 13.61 7.39 10.01
CA ASN A 148 14.10 7.63 8.65
C ASN A 148 13.20 8.66 7.97
N ILE A 149 13.81 9.74 7.46
CA ILE A 149 13.08 10.77 6.74
C ILE A 149 13.03 10.32 5.29
N ALA A 150 11.90 9.74 4.92
CA ALA A 150 11.54 9.32 3.58
C ALA A 150 10.83 10.50 2.90
N SER A 151 9.80 10.21 2.13
CA SER A 151 9.06 11.21 1.37
C SER A 151 7.79 10.53 0.86
N VAL A 152 6.81 11.35 0.50
CA VAL A 152 5.74 10.86 -0.36
C VAL A 152 6.29 10.13 -1.56
N GLN A 153 7.44 10.57 -2.04
CA GLN A 153 8.12 9.95 -3.19
C GLN A 153 8.65 8.56 -2.88
N GLY A 154 8.58 8.11 -1.63
CA GLY A 154 8.80 6.74 -1.25
C GLY A 154 7.59 5.86 -1.31
N LEU A 155 6.42 6.48 -1.56
CA LEU A 155 5.16 5.74 -1.65
C LEU A 155 4.51 5.82 -3.02
N VAL A 156 4.82 6.84 -3.79
CA VAL A 156 4.29 7.02 -5.15
C VAL A 156 5.43 7.59 -6.00
N GLY A 157 5.22 7.60 -7.32
CA GLY A 157 6.21 8.17 -8.21
C GLY A 157 5.84 9.57 -8.64
N SER A 158 6.84 10.32 -9.10
CA SER A 158 6.68 11.63 -9.74
C SER A 158 7.63 11.71 -10.92
N MET A 159 7.16 12.33 -12.01
CA MET A 159 8.01 12.49 -13.19
C MET A 159 9.30 13.20 -12.82
N ASN A 160 10.38 12.77 -13.48
CA ASN A 160 11.69 13.42 -13.45
C ASN A 160 12.41 13.24 -12.14
N LYS A 161 11.96 12.30 -11.29
CA LYS A 161 12.56 12.07 -10.00
C LYS A 161 12.82 10.58 -9.80
N SER A 162 13.35 9.92 -10.85
CA SER A 162 13.54 8.47 -10.80
C SER A 162 14.48 8.07 -9.66
N ALA A 163 15.66 8.69 -9.58
CA ALA A 163 16.63 8.28 -8.56
C ALA A 163 16.06 8.50 -7.16
N TYR A 164 15.47 9.68 -6.93
CA TYR A 164 14.95 10.04 -5.61
C TYR A 164 13.76 9.15 -5.20
N CYS A 165 12.82 8.89 -6.12
CA CYS A 165 11.74 7.96 -5.80
C CYS A 165 12.28 6.56 -5.50
N ALA A 166 13.28 6.12 -6.27
CA ALA A 166 13.84 4.79 -6.01
C ALA A 166 14.48 4.77 -4.63
N ALA A 167 15.24 5.80 -4.29
CA ALA A 167 15.95 5.83 -3.01
C ALA A 167 14.98 5.90 -1.84
N LYS A 168 13.92 6.69 -1.97
CA LYS A 168 12.98 6.88 -0.88
C LYS A 168 12.11 5.63 -0.69
N HIS A 169 11.67 5.01 -1.80
CA HIS A 169 11.01 3.70 -1.71
C HIS A 169 11.93 2.72 -0.98
N GLY A 170 13.20 2.70 -1.37
CA GLY A 170 14.15 1.78 -0.74
C GLY A 170 14.29 2.04 0.75
N LEU A 171 14.30 3.31 1.14
CA LEU A 171 14.43 3.66 2.56
C LEU A 171 13.24 3.17 3.36
N ILE A 172 12.05 3.20 2.75
CA ILE A 172 10.87 2.66 3.42
C ILE A 172 10.97 1.12 3.55
N GLY A 173 11.45 0.43 2.50
CA GLY A 173 11.65 -1.01 2.62
C GLY A 173 12.65 -1.36 3.72
N PHE A 174 13.75 -0.62 3.75
CA PHE A 174 14.76 -0.80 4.80
C PHE A 174 14.17 -0.59 6.18
N THR A 175 13.33 0.42 6.33
CA THR A 175 12.66 0.69 7.60
C THR A 175 11.86 -0.53 8.07
N LYS A 176 11.07 -1.12 7.17
CA LYS A 176 10.29 -2.30 7.52
C LYS A 176 11.20 -3.41 8.06
N VAL A 177 12.32 -3.68 7.36
CA VAL A 177 13.16 -4.80 7.77
C VAL A 177 13.77 -4.52 9.14
N VAL A 178 14.29 -3.31 9.36
CA VAL A 178 14.91 -3.01 10.66
C VAL A 178 13.89 -3.16 11.78
N ALA A 179 12.67 -2.67 11.55
CA ALA A 179 11.59 -2.80 12.53
C ALA A 179 11.29 -4.25 12.85
N LEU A 180 11.23 -5.10 11.82
CA LEU A 180 10.94 -6.50 12.06
C LEU A 180 12.07 -7.20 12.82
N GLU A 181 13.32 -6.82 12.55
CA GLU A 181 14.45 -7.46 13.23
C GLU A 181 14.56 -7.04 14.69
N THR A 182 13.92 -5.94 15.07
CA THR A 182 13.94 -5.38 16.41
C THR A 182 12.57 -5.45 17.10
N ALA A 183 11.59 -6.14 16.49
CA ALA A 183 10.21 -5.99 16.94
C ALA A 183 10.00 -6.41 18.39
N THR A 184 10.78 -7.36 18.91
CA THR A 184 10.59 -7.84 20.27
C THR A 184 11.44 -7.08 21.29
N THR A 185 12.07 -5.97 20.87
CA THR A 185 12.91 -5.17 21.73
C THR A 185 12.27 -3.80 21.97
N GLY A 186 12.96 -2.99 22.81
CA GLY A 186 12.57 -1.60 22.97
C GLY A 186 13.04 -0.66 21.89
N ILE A 187 13.53 -1.19 20.78
CA ILE A 187 13.96 -0.41 19.64
C ILE A 187 12.86 -0.42 18.60
N THR A 188 12.50 0.76 18.11
CA THR A 188 11.58 0.84 16.97
C THR A 188 12.27 1.54 15.80
N CYS A 189 11.80 1.25 14.58
CA CYS A 189 12.27 1.93 13.39
C CYS A 189 11.03 2.26 12.54
N ASN A 190 10.93 3.52 12.15
CA ASN A 190 9.79 4.00 11.38
C ASN A 190 10.28 5.08 10.42
N ALA A 191 9.44 5.43 9.45
CA ALA A 191 9.77 6.51 8.53
C ALA A 191 8.71 7.59 8.60
N ILE A 192 9.14 8.81 8.37
CA ILE A 192 8.25 9.95 8.16
C ILE A 192 8.29 10.28 6.68
N CYS A 193 7.12 10.54 6.11
CA CYS A 193 7.00 10.79 4.67
C CYS A 193 6.37 12.16 4.43
N PRO A 194 7.18 13.21 4.42
CA PRO A 194 6.64 14.56 4.12
C PRO A 194 6.29 14.70 2.66
N GLY A 195 5.26 15.51 2.41
CA GLY A 195 5.01 16.10 1.11
C GLY A 195 5.91 17.31 0.96
N TYR A 196 5.47 18.29 0.17
CA TYR A 196 6.29 19.48 -0.02
C TYR A 196 6.40 20.33 1.23
N VAL A 197 7.64 20.68 1.58
CA VAL A 197 8.03 21.55 2.69
C VAL A 197 8.91 22.66 2.09
N TYR A 198 8.71 23.90 2.53
CA TYR A 198 9.42 24.99 1.86
C TYR A 198 10.81 25.16 2.48
N THR A 199 11.69 24.27 2.08
CA THR A 199 13.11 24.29 2.41
C THR A 199 13.91 24.78 1.20
N PRO A 200 15.22 24.99 1.37
CA PRO A 200 16.06 25.29 0.20
C PRO A 200 16.03 24.20 -0.87
N LEU A 201 15.92 22.92 -0.49
CA LEU A 201 15.79 21.86 -1.48
C LEU A 201 14.58 22.07 -2.38
N VAL A 202 13.49 22.62 -1.83
CA VAL A 202 12.28 22.85 -2.60
C VAL A 202 12.28 24.23 -3.22
N GLU A 203 12.73 25.23 -2.48
CA GLU A 203 12.87 26.58 -3.04
C GLU A 203 13.66 26.57 -4.35
N GLU A 204 14.75 25.79 -4.40
CA GLU A 204 15.56 25.71 -5.61
C GLU A 204 14.76 25.13 -6.77
N GLN A 205 13.98 24.08 -6.52
CA GLN A 205 13.15 23.51 -7.57
C GLN A 205 12.15 24.54 -8.06
N ILE A 206 11.54 25.28 -7.14
CA ILE A 206 10.50 26.21 -7.53
C ILE A 206 11.10 27.38 -8.31
N LYS A 207 12.28 27.86 -7.91
CA LYS A 207 12.98 28.91 -8.65
C LYS A 207 13.31 28.43 -10.07
N ALA A 208 13.75 27.17 -10.20
CA ALA A 208 14.05 26.66 -11.54
C ALA A 208 12.79 26.65 -12.39
N VAL A 209 11.69 26.18 -11.82
CA VAL A 209 10.41 26.18 -12.54
C VAL A 209 9.98 27.61 -12.88
N ALA A 210 10.11 28.53 -11.93
CA ALA A 210 9.68 29.90 -12.18
C ALA A 210 10.44 30.52 -13.33
N GLU A 211 11.76 30.31 -13.37
CA GLU A 211 12.55 30.88 -14.44
C GLU A 211 12.26 30.18 -15.78
N ALA A 212 12.03 28.86 -15.74
CA ALA A 212 11.86 28.13 -16.99
C ALA A 212 10.49 28.32 -17.61
N LYS A 213 9.45 28.48 -16.77
CA LYS A 213 8.07 28.44 -17.27
C LYS A 213 7.21 29.61 -16.86
N TYR A 214 7.54 30.36 -15.79
CA TYR A 214 6.64 31.40 -15.30
C TYR A 214 7.27 32.78 -15.30
N GLY A 215 8.26 33.01 -16.15
CA GLY A 215 8.81 34.34 -16.33
C GLY A 215 9.40 34.92 -15.07
N GLY A 216 9.86 34.08 -14.17
CA GLY A 216 10.38 34.52 -12.90
C GLY A 216 9.35 34.79 -11.82
N ASP A 217 8.08 34.50 -12.07
CA ASP A 217 7.03 34.77 -11.10
C ASP A 217 6.99 33.65 -10.07
N MET A 218 7.58 33.90 -8.90
CA MET A 218 7.63 32.88 -7.87
C MET A 218 6.27 32.57 -7.28
N GLU A 219 5.37 33.56 -7.21
CA GLU A 219 4.02 33.28 -6.73
C GLU A 219 3.33 32.25 -7.63
N ALA A 220 3.32 32.51 -8.95
CA ALA A 220 2.67 31.58 -9.87
C ALA A 220 3.33 30.23 -9.87
N ALA A 221 4.66 30.19 -9.87
CA ALA A 221 5.36 28.91 -9.87
C ALA A 221 5.04 28.12 -8.60
N THR A 222 4.99 28.80 -7.45
CA THR A 222 4.67 28.13 -6.20
C THR A 222 3.26 27.55 -6.23
N GLN A 223 2.29 28.34 -6.72
CA GLN A 223 0.92 27.87 -6.82
C GLN A 223 0.86 26.61 -7.67
N ALA A 224 1.50 26.64 -8.85
CA ALA A 224 1.44 25.50 -9.75
C ALA A 224 2.14 24.28 -9.16
N PHE A 225 3.28 24.49 -8.52
CA PHE A 225 4.06 23.43 -7.90
C PHE A 225 3.24 22.72 -6.84
N LEU A 226 2.62 23.48 -5.93
CA LEU A 226 1.76 22.86 -4.93
C LEU A 226 0.50 22.23 -5.51
N CYS A 227 -0.22 22.96 -6.37
CA CYS A 227 -1.49 22.50 -6.89
C CYS A 227 -1.36 21.16 -7.59
N GLU A 228 -0.21 20.90 -8.23
CA GLU A 228 -0.05 19.68 -8.99
C GLU A 228 -0.19 18.46 -8.09
N LYS A 229 0.34 18.54 -6.87
CA LYS A 229 0.55 17.36 -6.05
C LYS A 229 -0.11 17.38 -4.69
N GLN A 230 -0.39 18.54 -4.11
CA GLN A 230 -0.66 18.66 -2.69
C GLN A 230 -2.04 19.25 -2.50
N PRO A 231 -3.04 18.42 -2.20
CA PRO A 231 -4.43 18.92 -2.16
C PRO A 231 -4.68 20.06 -1.20
N ALA A 232 -3.91 20.14 -0.10
CA ALA A 232 -4.09 21.24 0.83
C ALA A 232 -3.72 22.61 0.22
N LYS A 233 -2.97 22.61 -0.89
CA LYS A 233 -2.58 23.88 -1.57
C LYS A 233 -1.80 24.78 -0.61
N ALA A 234 -1.06 24.14 0.28
CA ALA A 234 -0.22 24.80 1.28
C ALA A 234 0.94 23.86 1.58
N PHE A 235 2.05 24.44 2.02
CA PHE A 235 3.21 23.65 2.40
C PHE A 235 3.02 22.99 3.76
N VAL A 236 3.62 21.80 3.90
CA VAL A 236 3.94 21.26 5.22
C VAL A 236 5.11 22.08 5.78
N THR A 237 5.19 22.19 7.11
CA THR A 237 6.25 22.97 7.74
C THR A 237 7.29 22.06 8.38
N VAL A 238 8.50 22.61 8.58
CA VAL A 238 9.55 21.82 9.23
C VAL A 238 9.18 21.53 10.66
N GLU A 239 8.42 22.42 11.30
CA GLU A 239 7.96 22.17 12.66
C GLU A 239 7.01 20.99 12.71
N GLN A 240 6.13 20.85 11.73
CA GLN A 240 5.24 19.68 11.68
C GLN A 240 6.00 18.38 11.49
N VAL A 241 7.00 18.37 10.60
CA VAL A 241 7.80 17.16 10.47
C VAL A 241 8.51 16.85 11.79
N GLY A 242 9.05 17.87 12.47
CA GLY A 242 9.66 17.66 13.76
C GLY A 242 8.70 17.10 14.79
N ASP A 243 7.45 17.57 14.77
CA ASP A 243 6.42 17.09 15.67
C ASP A 243 6.13 15.62 15.43
N ALA A 244 6.15 15.19 14.16
CA ALA A 244 6.00 13.76 13.86
C ALA A 244 7.18 12.95 14.41
N ALA A 245 8.39 13.51 14.32
CA ALA A 245 9.54 12.83 14.90
C ALA A 245 9.41 12.72 16.42
N VAL A 246 8.96 13.79 17.08
CA VAL A 246 8.77 13.73 18.53
C VAL A 246 7.75 12.65 18.90
N PHE A 247 6.65 12.59 18.15
CA PHE A 247 5.64 11.57 18.36
C PHE A 247 6.24 10.17 18.24
N LEU A 248 6.99 9.90 17.18
CA LEU A 248 7.59 8.57 17.03
C LEU A 248 8.60 8.26 18.12
N ALA A 249 9.25 9.28 18.66
CA ALA A 249 10.26 9.02 19.70
C ALA A 249 9.66 8.88 21.09
N SER A 250 8.38 9.17 21.28
CA SER A 250 7.73 9.22 22.59
C SER A 250 7.24 7.85 23.00
N PRO A 251 6.88 7.67 24.27
CA PRO A 251 6.46 6.34 24.75
C PRO A 251 5.19 5.83 24.13
N GLY A 252 4.30 6.72 23.69
CA GLY A 252 3.08 6.28 23.03
C GLY A 252 3.32 5.56 21.74
N ALA A 253 4.53 5.66 21.19
CA ALA A 253 4.91 5.00 19.96
C ALA A 253 5.75 3.73 20.20
N ASP A 254 5.76 3.22 21.44
CA ASP A 254 6.56 2.05 21.74
C ASP A 254 6.21 0.86 20.84
N MET A 255 4.96 0.77 20.39
CA MET A 255 4.52 -0.33 19.54
C MET A 255 4.22 0.10 18.11
N ILE A 256 4.62 1.30 17.72
CA ILE A 256 4.61 1.71 16.32
C ILE A 256 5.92 1.21 15.71
N ARG A 257 5.82 0.30 14.75
CA ARG A 257 7.00 -0.39 14.22
C ARG A 257 6.86 -0.63 12.73
N GLY A 258 7.84 -0.17 11.96
CA GLY A 258 7.95 -0.47 10.56
C GLY A 258 6.92 0.22 9.72
N THR A 259 6.46 1.37 10.16
CA THR A 259 5.40 2.08 9.45
C THR A 259 5.86 3.44 8.97
N THR A 260 4.98 4.06 8.21
CA THR A 260 5.17 5.40 7.68
C THR A 260 4.19 6.37 8.34
N ILE A 261 4.69 7.53 8.76
CA ILE A 261 3.86 8.65 9.21
C ILE A 261 3.91 9.67 8.09
N THR A 262 2.81 9.80 7.34
CA THR A 262 2.79 10.63 6.14
C THR A 262 2.21 11.98 6.48
N VAL A 263 2.98 13.03 6.24
CA VAL A 263 2.61 14.40 6.57
C VAL A 263 2.68 15.17 5.26
N ASP A 264 1.56 15.19 4.52
CA ASP A 264 1.64 15.51 3.10
C ASP A 264 0.45 16.30 2.57
N GLY A 265 -0.40 16.85 3.43
CA GLY A 265 -1.51 17.64 2.91
C GLY A 265 -2.44 16.90 1.97
N GLY A 266 -2.50 15.57 2.04
CA GLY A 266 -3.39 14.79 1.20
C GLY A 266 -2.79 14.15 -0.05
N TRP A 267 -1.49 14.33 -0.29
CA TRP A 267 -0.87 13.90 -1.54
C TRP A 267 -1.15 12.43 -1.83
N VAL A 268 -0.86 11.54 -0.89
CA VAL A 268 -1.00 10.11 -1.11
C VAL A 268 -2.43 9.63 -0.95
N ALA A 269 -3.29 10.40 -0.32
CA ALA A 269 -4.70 10.02 -0.20
C ALA A 269 -5.43 10.00 -1.53
N GLN A 270 -4.97 10.77 -2.53
CA GLN A 270 -5.61 10.77 -3.85
C GLN A 270 -4.72 10.03 -4.88
N GLU B 8 -2.53 25.15 34.38
CA GLU B 8 -1.99 25.63 33.11
C GLU B 8 -2.74 25.03 31.93
N LYS B 9 -2.87 25.80 30.85
CA LYS B 9 -3.54 25.33 29.65
C LYS B 9 -2.76 24.16 29.04
N ARG B 10 -3.50 23.28 28.40
CA ARG B 10 -2.96 22.09 27.75
C ARG B 10 -3.24 22.15 26.24
N VAL B 11 -2.66 21.20 25.51
CA VAL B 11 -2.62 21.33 24.06
C VAL B 11 -4.02 21.34 23.45
N LEU B 12 -4.96 20.58 24.03
CA LEU B 12 -6.33 20.54 23.51
C LEU B 12 -7.32 21.31 24.39
N SER B 13 -6.83 22.19 25.27
CA SER B 13 -7.73 22.94 26.13
C SER B 13 -8.74 23.73 25.31
N GLY B 14 -10.01 23.65 25.71
CA GLY B 14 -11.07 24.35 25.03
C GLY B 14 -11.77 23.56 23.94
N ARG B 15 -11.18 22.45 23.48
CA ARG B 15 -11.80 21.68 22.42
C ARG B 15 -12.81 20.70 22.99
N VAL B 16 -13.94 20.53 22.28
CA VAL B 16 -14.99 19.59 22.65
C VAL B 16 -14.87 18.34 21.78
N ALA B 17 -14.69 17.18 22.41
CA ALA B 17 -14.58 15.91 21.70
C ALA B 17 -15.76 15.01 22.03
N VAL B 18 -16.18 14.25 21.03
CA VAL B 18 -17.15 13.17 21.16
C VAL B 18 -16.44 11.88 20.75
N VAL B 19 -16.47 10.86 21.61
CA VAL B 19 -15.92 9.55 21.30
C VAL B 19 -17.06 8.54 21.32
N THR B 20 -17.41 7.99 20.18
CA THR B 20 -18.45 6.97 20.14
C THR B 20 -17.89 5.67 20.69
N GLY B 21 -18.75 4.93 21.38
CA GLY B 21 -18.33 3.65 21.96
C GLY B 21 -17.16 3.76 22.92
N SER B 22 -17.28 4.67 23.89
CA SER B 22 -16.17 5.02 24.78
C SER B 22 -16.44 4.64 26.22
N THR B 23 -17.28 3.65 26.48
CA THR B 23 -17.50 3.17 27.85
C THR B 23 -16.51 2.11 28.27
N SER B 24 -15.69 1.59 27.36
CA SER B 24 -14.72 0.55 27.71
C SER B 24 -13.66 0.49 26.62
N GLY B 25 -12.58 -0.23 26.93
CA GLY B 25 -11.58 -0.58 25.92
C GLY B 25 -10.93 0.62 25.26
N ILE B 26 -10.77 0.52 23.94
CA ILE B 26 -10.04 1.52 23.17
C ILE B 26 -10.73 2.88 23.26
N GLY B 27 -12.05 2.89 23.16
CA GLY B 27 -12.77 4.15 23.21
C GLY B 27 -12.56 4.87 24.53
N LEU B 28 -12.62 4.14 25.63
CA LEU B 28 -12.34 4.75 26.94
C LEU B 28 -10.90 5.23 27.02
N GLY B 29 -9.95 4.45 26.51
CA GLY B 29 -8.56 4.88 26.51
C GLY B 29 -8.38 6.18 25.74
N ILE B 30 -9.05 6.30 24.58
CA ILE B 30 -8.97 7.51 23.79
C ILE B 30 -9.59 8.67 24.55
N ALA B 31 -10.76 8.46 25.16
CA ALA B 31 -11.39 9.53 25.91
C ALA B 31 -10.49 10.01 27.05
N MET B 32 -9.86 9.06 27.75
CA MET B 32 -8.96 9.41 28.86
C MET B 32 -7.80 10.26 28.35
N ARG B 33 -7.18 9.83 27.23
CA ARG B 33 -6.01 10.56 26.75
C ARG B 33 -6.39 11.96 26.23
N LEU B 34 -7.54 12.08 25.57
CA LEU B 34 -8.00 13.39 25.13
C LEU B 34 -8.26 14.31 26.32
N ALA B 35 -8.91 13.79 27.38
CA ALA B 35 -9.13 14.59 28.58
C ALA B 35 -7.82 14.97 29.24
N MET B 36 -6.86 14.04 29.30
CA MET B 36 -5.55 14.35 29.84
C MET B 36 -4.86 15.44 29.05
N ALA B 37 -5.13 15.51 27.75
CA ALA B 37 -4.57 16.57 26.91
C ALA B 37 -5.40 17.85 26.95
N GLY B 38 -6.44 17.92 27.78
CA GLY B 38 -7.18 19.14 28.00
C GLY B 38 -8.54 19.25 27.34
N ALA B 39 -8.96 18.24 26.57
CA ALA B 39 -10.24 18.33 25.85
C ALA B 39 -11.41 18.01 26.80
N ASP B 40 -12.53 18.70 26.59
CA ASP B 40 -13.81 18.23 27.10
C ASP B 40 -14.27 17.04 26.27
N VAL B 41 -14.98 16.11 26.91
CA VAL B 41 -15.26 14.82 26.28
C VAL B 41 -16.69 14.39 26.54
N VAL B 42 -17.38 13.96 25.48
CA VAL B 42 -18.66 13.26 25.62
C VAL B 42 -18.42 11.78 25.41
N LEU B 43 -18.74 10.97 26.42
CA LEU B 43 -18.68 9.52 26.33
C LEU B 43 -20.00 8.99 25.78
N ASN B 44 -19.94 7.80 25.19
CA ASN B 44 -21.10 7.22 24.56
C ASN B 44 -21.07 5.70 24.69
N GLY B 45 -22.24 5.13 24.97
CA GLY B 45 -22.41 3.70 24.93
C GLY B 45 -23.74 3.35 24.27
N ARG B 46 -23.88 2.06 23.93
CA ARG B 46 -25.10 1.62 23.24
C ARG B 46 -26.34 1.90 24.08
N ARG B 47 -26.29 1.57 25.37
CA ARG B 47 -27.42 1.77 26.26
C ARG B 47 -26.90 2.16 27.64
N GLN B 48 -27.77 2.79 28.43
CA GLN B 48 -27.40 3.19 29.77
C GLN B 48 -27.06 1.95 30.59
N SER B 49 -26.01 2.06 31.40
CA SER B 49 -25.59 0.95 32.25
C SER B 49 -25.25 1.50 33.63
N PRO B 50 -25.24 0.64 34.65
CA PRO B 50 -24.87 1.11 36.00
C PRO B 50 -23.47 1.69 36.08
N GLU B 51 -22.57 1.32 35.16
CA GLU B 51 -21.19 1.76 35.25
C GLU B 51 -20.97 3.18 34.75
N ASP B 52 -21.97 3.81 34.15
CA ASP B 52 -21.73 5.08 33.45
C ASP B 52 -21.17 6.14 34.38
N SER B 53 -21.73 6.25 35.60
CA SER B 53 -21.30 7.32 36.50
C SER B 53 -19.81 7.21 36.80
N ALA B 54 -19.35 6.00 37.12
CA ALA B 54 -17.95 5.81 37.49
C ALA B 54 -17.02 6.14 36.32
N ILE B 55 -17.42 5.77 35.11
CA ILE B 55 -16.60 6.05 33.93
C ILE B 55 -16.49 7.55 33.72
N VAL B 56 -17.62 8.26 33.83
CA VAL B 56 -17.60 9.71 33.69
C VAL B 56 -16.64 10.33 34.71
N GLU B 57 -16.74 9.89 35.97
CA GLU B 57 -15.91 10.51 37.00
C GLU B 57 -14.44 10.18 36.79
N LYS B 58 -14.14 8.99 36.28
CA LYS B 58 -12.77 8.64 35.97
C LYS B 58 -12.19 9.59 34.93
N VAL B 59 -12.95 9.83 33.86
CA VAL B 59 -12.46 10.73 32.82
C VAL B 59 -12.38 12.17 33.34
N ALA B 60 -13.33 12.57 34.19
CA ALA B 60 -13.39 13.92 34.71
C ALA B 60 -12.30 14.21 35.74
N ALA B 61 -11.66 13.17 36.27
CA ALA B 61 -10.56 13.42 37.20
C ALA B 61 -9.45 14.28 36.59
N TYR B 62 -9.43 14.47 35.26
CA TYR B 62 -8.38 15.27 34.65
C TYR B 62 -8.78 16.74 34.44
N GLY B 63 -9.85 17.18 35.09
CA GLY B 63 -10.18 18.58 35.20
C GLY B 63 -10.93 19.20 34.05
N THR B 64 -11.37 18.41 33.09
CA THR B 64 -12.16 18.94 31.99
C THR B 64 -13.64 18.61 32.17
N ARG B 65 -14.47 19.16 31.27
CA ARG B 65 -15.90 18.88 31.30
C ARG B 65 -16.17 17.56 30.60
N VAL B 66 -16.85 16.65 31.30
CA VAL B 66 -17.13 15.31 30.79
C VAL B 66 -18.62 15.04 30.91
N ARG B 67 -19.20 14.49 29.87
CA ARG B 67 -20.61 14.12 29.86
C ARG B 67 -20.74 12.70 29.34
N TYR B 68 -21.94 12.13 29.49
CA TYR B 68 -22.27 10.82 28.93
C TYR B 68 -23.60 10.87 28.19
N PHE B 69 -23.69 10.16 27.06
CA PHE B 69 -24.96 10.06 26.33
C PHE B 69 -25.09 8.68 25.72
N ALA B 70 -26.18 7.98 26.05
CA ALA B 70 -26.45 6.67 25.50
C ALA B 70 -27.12 6.82 24.14
N ALA B 71 -26.55 6.16 23.12
CA ALA B 71 -27.11 6.24 21.78
C ALA B 71 -26.65 5.04 20.96
N ASN B 72 -27.59 4.42 20.26
CA ASN B 72 -27.29 3.33 19.35
C ASN B 72 -26.79 3.92 18.05
N MET B 73 -25.50 3.72 17.76
CA MET B 73 -24.89 4.38 16.61
C MET B 73 -25.38 3.81 15.28
N LYS B 74 -26.11 2.69 15.29
CA LYS B 74 -26.75 2.15 14.10
C LYS B 74 -27.99 2.92 13.70
N ASP B 75 -28.47 3.83 14.55
CA ASP B 75 -29.71 4.58 14.35
C ASP B 75 -29.32 6.02 14.11
N ARG B 76 -29.47 6.49 12.87
CA ARG B 76 -29.04 7.84 12.52
C ARG B 76 -29.70 8.89 13.42
N ALA B 77 -30.95 8.64 13.84
CA ALA B 77 -31.62 9.58 14.73
C ALA B 77 -30.91 9.70 16.07
N GLN B 78 -30.41 8.58 16.60
CA GLN B 78 -29.69 8.63 17.86
C GLN B 78 -28.30 9.23 17.69
N VAL B 79 -27.67 9.07 16.52
CA VAL B 79 -26.40 9.75 16.28
C VAL B 79 -26.63 11.25 16.29
N GLU B 80 -27.69 11.70 15.63
CA GLU B 80 -28.02 13.12 15.62
C GLU B 80 -28.30 13.61 17.03
N ALA B 81 -29.04 12.81 17.82
CA ALA B 81 -29.32 13.18 19.20
C ALA B 81 -28.03 13.32 20.02
N LEU B 82 -27.05 12.44 19.79
CA LEU B 82 -25.77 12.54 20.49
C LEU B 82 -25.09 13.87 20.15
N ILE B 83 -25.08 14.23 18.87
CA ILE B 83 -24.44 15.47 18.48
C ILE B 83 -25.17 16.67 19.07
N LYS B 84 -26.49 16.67 19.01
CA LYS B 84 -27.26 17.80 19.54
C LYS B 84 -27.11 17.91 21.05
N PHE B 85 -27.04 16.76 21.74
CA PHE B 85 -26.81 16.77 23.18
C PHE B 85 -25.47 17.42 23.48
N THR B 86 -24.43 17.05 22.73
CA THR B 86 -23.13 17.66 22.95
C THR B 86 -23.18 19.16 22.71
N GLU B 87 -23.85 19.59 21.64
CA GLU B 87 -23.94 21.02 21.35
C GLU B 87 -24.63 21.77 22.48
N LYS B 88 -25.68 21.19 23.06
CA LYS B 88 -26.42 21.84 24.11
C LYS B 88 -25.64 21.88 25.42
N GLU B 89 -24.93 20.79 25.75
CA GLU B 89 -24.27 20.67 27.05
C GLU B 89 -22.92 21.38 27.06
N LEU B 90 -22.09 21.15 26.04
CA LEU B 90 -20.72 21.61 26.02
C LEU B 90 -20.40 22.61 24.92
N GLY B 91 -21.03 22.51 23.77
CA GLY B 91 -20.81 23.39 22.66
C GLY B 91 -20.52 22.60 21.41
N ALA B 92 -20.05 23.29 20.37
CA ALA B 92 -19.86 22.68 19.06
C ALA B 92 -18.88 21.50 19.15
N VAL B 93 -19.22 20.42 18.45
CA VAL B 93 -18.31 19.28 18.37
C VAL B 93 -17.14 19.65 17.50
N GLU B 94 -15.94 19.58 18.06
CA GLU B 94 -14.73 19.95 17.33
C GLU B 94 -13.84 18.77 17.00
N ILE B 95 -13.83 17.73 17.84
CA ILE B 95 -13.11 16.49 17.62
C ILE B 95 -14.13 15.36 17.66
N LEU B 96 -14.28 14.65 16.56
CA LEU B 96 -15.15 13.48 16.49
C LEU B 96 -14.27 12.25 16.33
N VAL B 97 -14.39 11.29 17.27
CA VAL B 97 -13.71 10.01 17.18
C VAL B 97 -14.77 8.95 16.94
N ASN B 98 -14.72 8.33 15.75
CA ASN B 98 -15.63 7.25 15.39
C ASN B 98 -14.99 5.94 15.78
N ASN B 99 -15.48 5.35 16.87
CA ASN B 99 -14.80 4.19 17.44
C ASN B 99 -15.71 3.01 17.68
N ALA B 100 -17.00 3.25 17.85
CA ALA B 100 -17.94 2.16 18.07
C ALA B 100 -17.85 1.18 16.90
N GLY B 101 -17.44 -0.04 17.19
CA GLY B 101 -17.36 -1.08 16.17
C GLY B 101 -17.50 -2.42 16.84
N ILE B 102 -17.85 -3.42 16.02
CA ILE B 102 -18.07 -4.78 16.51
C ILE B 102 -17.35 -5.75 15.58
N GLN B 103 -17.25 -7.00 16.05
CA GLN B 103 -16.56 -8.06 15.35
C GLN B 103 -17.44 -9.31 15.34
N HIS B 104 -17.28 -10.11 14.30
CA HIS B 104 -17.88 -11.44 14.26
C HIS B 104 -17.02 -12.34 13.39
N VAL B 105 -16.50 -13.43 13.97
CA VAL B 105 -15.55 -14.31 13.32
C VAL B 105 -16.31 -15.50 12.74
N SER B 106 -16.16 -15.71 11.44
CA SER B 106 -16.83 -16.79 10.73
C SER B 106 -16.21 -16.97 9.35
N PRO B 107 -16.13 -18.20 8.83
CA PRO B 107 -15.82 -18.38 7.41
C PRO B 107 -16.86 -17.70 6.54
N VAL B 108 -16.43 -17.30 5.35
CA VAL B 108 -17.33 -16.56 4.45
C VAL B 108 -18.58 -17.39 4.13
N GLU B 109 -18.42 -18.71 3.93
CA GLU B 109 -19.53 -19.53 3.46
C GLU B 109 -20.70 -19.53 4.43
N THR B 110 -20.43 -19.42 5.73
CA THR B 110 -21.48 -19.49 6.73
C THR B 110 -21.67 -18.17 7.46
N PHE B 111 -21.07 -17.08 6.97
CA PHE B 111 -21.18 -15.79 7.63
C PHE B 111 -22.65 -15.35 7.68
N PRO B 112 -23.22 -15.12 8.86
CA PRO B 112 -24.64 -14.75 8.93
C PRO B 112 -24.90 -13.43 8.24
N SER B 113 -25.98 -13.39 7.46
CA SER B 113 -26.31 -12.17 6.72
C SER B 113 -26.54 -10.98 7.66
N ASP B 114 -27.27 -11.21 8.76
CA ASP B 114 -27.57 -10.11 9.68
C ASP B 114 -26.29 -9.58 10.32
N LYS B 115 -25.34 -10.46 10.62
CA LYS B 115 -24.08 -10.02 11.21
C LYS B 115 -23.23 -9.24 10.20
N TRP B 116 -23.21 -9.68 8.95
CA TRP B 116 -22.55 -8.89 7.92
C TRP B 116 -23.12 -7.47 7.90
N ASP B 117 -24.45 -7.38 7.84
CA ASP B 117 -25.09 -6.07 7.79
C ASP B 117 -24.77 -5.24 9.01
N GLU B 118 -24.78 -5.85 10.20
CA GLU B 118 -24.55 -5.11 11.43
C GLU B 118 -23.13 -4.56 11.48
N ILE B 119 -22.16 -5.35 11.02
CA ILE B 119 -20.76 -4.90 11.00
C ILE B 119 -20.58 -3.76 10.02
N ILE B 120 -21.18 -3.87 8.83
CA ILE B 120 -21.13 -2.74 7.90
C ILE B 120 -21.79 -1.51 8.53
N ALA B 121 -22.93 -1.71 9.18
CA ALA B 121 -23.68 -0.58 9.72
C ALA B 121 -22.89 0.16 10.78
N LEU B 122 -22.30 -0.57 11.73
CA LEU B 122 -21.63 0.10 12.85
CA LEU B 122 -21.62 0.07 12.87
C LEU B 122 -20.20 0.50 12.52
N ASN B 123 -19.45 -0.37 11.83
CA ASN B 123 -18.05 -0.09 11.59
C ASN B 123 -17.80 0.89 10.44
N LEU B 124 -18.75 1.05 9.52
CA LEU B 124 -18.58 1.97 8.40
C LEU B 124 -19.67 3.03 8.33
N THR B 125 -20.93 2.63 8.24
CA THR B 125 -21.97 3.61 7.91
C THR B 125 -22.24 4.57 9.06
N SER B 126 -22.09 4.11 10.31
CA SER B 126 -22.26 5.02 11.45
CA SER B 126 -22.26 5.02 11.45
C SER B 126 -21.24 6.15 11.42
N ALA B 127 -20.01 5.85 11.00
CA ALA B 127 -18.98 6.89 10.92
C ALA B 127 -19.35 7.92 9.86
N PHE B 128 -19.94 7.46 8.74
CA PHE B 128 -20.43 8.39 7.71
C PHE B 128 -21.52 9.29 8.29
N HIS B 129 -22.47 8.72 9.02
CA HIS B 129 -23.56 9.52 9.57
C HIS B 129 -23.03 10.58 10.55
N ALA B 130 -22.17 10.16 11.48
CA ALA B 130 -21.65 11.11 12.45
C ALA B 130 -20.83 12.21 11.78
N THR B 131 -19.98 11.84 10.82
CA THR B 131 -19.15 12.82 10.13
C THR B 131 -20.03 13.80 9.38
N GLN B 132 -21.05 13.29 8.67
CA GLN B 132 -21.96 14.17 7.96
C GLN B 132 -22.64 15.17 8.89
N LEU B 133 -23.01 14.72 10.08
CA LEU B 133 -23.70 15.60 11.01
C LEU B 133 -22.77 16.65 11.63
N CYS B 134 -21.47 16.35 11.76
CA CYS B 134 -20.53 17.26 12.42
C CYS B 134 -19.83 18.23 11.48
N LEU B 135 -19.73 17.88 10.19
CA LEU B 135 -18.93 18.69 9.28
C LEU B 135 -19.44 20.11 9.10
N PRO B 136 -20.76 20.36 8.98
CA PRO B 136 -21.16 21.76 8.74
C PRO B 136 -20.68 22.73 9.79
N SER B 137 -20.79 22.36 11.07
CA SER B 137 -20.31 23.23 12.15
C SER B 137 -18.80 23.43 12.08
N MET B 138 -18.06 22.32 11.84
CA MET B 138 -16.61 22.42 11.69
C MET B 138 -16.23 23.39 10.57
N ARG B 139 -16.93 23.31 9.44
CA ARG B 139 -16.64 24.22 8.34
C ARG B 139 -16.96 25.66 8.73
N GLN B 140 -18.07 25.88 9.42
CA GLN B 140 -18.42 27.24 9.82
C GLN B 140 -17.35 27.84 10.74
N ARG B 141 -16.76 27.01 11.62
CA ARG B 141 -15.77 27.50 12.57
C ARG B 141 -14.35 27.47 12.05
N GLY B 142 -14.09 26.79 10.94
CA GLY B 142 -12.77 26.71 10.35
C GLY B 142 -11.81 25.77 11.03
N TRP B 143 -12.33 24.81 11.80
CA TRP B 143 -11.44 23.88 12.49
C TRP B 143 -12.18 22.59 12.76
N GLY B 144 -11.47 21.47 12.66
CA GLY B 144 -12.09 20.20 12.99
C GLY B 144 -11.10 19.07 12.97
N ARG B 145 -11.45 18.02 13.70
CA ARG B 145 -10.73 16.75 13.60
C ARG B 145 -11.77 15.63 13.51
N ILE B 146 -11.65 14.80 12.50
CA ILE B 146 -12.39 13.54 12.42
C ILE B 146 -11.34 12.44 12.49
N ILE B 147 -11.46 11.57 13.49
CA ILE B 147 -10.49 10.53 13.77
C ILE B 147 -11.26 9.21 13.75
N ASN B 148 -10.99 8.40 12.74
CA ASN B 148 -11.68 7.13 12.56
C ASN B 148 -10.82 5.99 13.08
N ILE B 149 -11.39 5.19 13.98
CA ILE B 149 -10.66 4.03 14.52
C ILE B 149 -10.92 2.86 13.59
N ALA B 150 -9.94 2.60 12.72
CA ALA B 150 -9.92 1.52 11.74
C ALA B 150 -9.23 0.35 12.43
N SER B 151 -8.34 -0.30 11.73
CA SER B 151 -7.68 -1.52 12.16
C SER B 151 -6.61 -1.83 11.12
N VAL B 152 -5.65 -2.69 11.52
CA VAL B 152 -4.79 -3.35 10.53
C VAL B 152 -5.66 -4.07 9.51
N GLN B 153 -6.83 -4.52 9.92
CA GLN B 153 -7.76 -5.22 9.05
C GLN B 153 -8.38 -4.30 8.00
N GLY B 154 -8.12 -2.99 8.07
CA GLY B 154 -8.47 -2.09 6.99
C GLY B 154 -7.42 -1.94 5.91
N LEU B 155 -6.25 -2.55 6.14
CA LEU B 155 -5.13 -2.51 5.22
C LEU B 155 -4.71 -3.86 4.68
N VAL B 156 -5.02 -4.94 5.39
CA VAL B 156 -4.75 -6.33 4.98
C VAL B 156 -5.98 -7.15 5.35
N GLY B 157 -6.04 -8.35 4.80
CA GLY B 157 -7.06 -9.30 5.17
C GLY B 157 -6.58 -10.27 6.24
N SER B 158 -7.56 -10.87 6.94
CA SER B 158 -7.34 -12.02 7.83
C SER B 158 -8.47 -13.02 7.64
N MET B 159 -8.14 -14.30 7.74
CA MET B 159 -9.15 -15.33 7.58
C MET B 159 -10.29 -15.15 8.58
N ASN B 160 -11.51 -15.43 8.12
CA ASN B 160 -12.71 -15.49 8.95
C ASN B 160 -13.18 -14.13 9.45
N LYS B 161 -12.67 -13.05 8.88
CA LYS B 161 -13.05 -11.71 9.22
C LYS B 161 -13.48 -10.92 8.00
N SER B 162 -14.25 -11.54 7.11
CA SER B 162 -14.57 -10.89 5.85
C SER B 162 -15.34 -9.58 6.06
N ALA B 163 -16.39 -9.60 6.87
CA ALA B 163 -17.20 -8.39 7.02
C ALA B 163 -16.40 -7.28 7.69
N TYR B 164 -15.64 -7.64 8.73
CA TYR B 164 -14.84 -6.63 9.46
C TYR B 164 -13.76 -6.04 8.58
N CYS B 165 -13.05 -6.87 7.81
CA CYS B 165 -12.02 -6.36 6.92
C CYS B 165 -12.63 -5.47 5.83
N ALA B 166 -13.78 -5.89 5.30
CA ALA B 166 -14.45 -5.04 4.32
C ALA B 166 -14.86 -3.70 4.92
N ALA B 167 -15.46 -3.74 6.11
CA ALA B 167 -15.91 -2.50 6.73
C ALA B 167 -14.74 -1.60 7.07
N LYS B 168 -13.65 -2.15 7.60
CA LYS B 168 -12.51 -1.33 7.97
C LYS B 168 -11.76 -0.77 6.74
N HIS B 169 -11.62 -1.56 5.68
CA HIS B 169 -11.11 -1.05 4.43
C HIS B 169 -11.98 0.10 3.95
N GLY B 170 -13.30 -0.08 4.04
CA GLY B 170 -14.22 0.97 3.63
C GLY B 170 -14.05 2.24 4.44
N LEU B 171 -13.83 2.11 5.76
CA LEU B 171 -13.65 3.25 6.63
C LEU B 171 -12.39 4.02 6.27
N ILE B 172 -11.32 3.31 5.88
CA ILE B 172 -10.11 3.99 5.39
C ILE B 172 -10.36 4.72 4.08
N GLY B 173 -11.10 4.10 3.14
CA GLY B 173 -11.47 4.82 1.92
C GLY B 173 -12.28 6.07 2.18
N PHE B 174 -13.26 5.97 3.09
CA PHE B 174 -14.06 7.11 3.50
C PHE B 174 -13.18 8.20 4.08
N THR B 175 -12.22 7.83 4.93
CA THR B 175 -11.31 8.79 5.52
C THR B 175 -10.59 9.60 4.45
N LYS B 176 -10.12 8.90 3.40
CA LYS B 176 -9.41 9.62 2.34
C LYS B 176 -10.32 10.66 1.69
N VAL B 177 -11.56 10.28 1.37
CA VAL B 177 -12.46 11.22 0.68
C VAL B 177 -12.76 12.43 1.57
N VAL B 178 -13.10 12.21 2.85
CA VAL B 178 -13.40 13.33 3.72
C VAL B 178 -12.21 14.28 3.81
N ALA B 179 -11.01 13.72 3.94
CA ALA B 179 -9.81 14.54 3.99
C ALA B 179 -9.62 15.35 2.72
N LEU B 180 -9.89 14.75 1.56
CA LEU B 180 -9.69 15.47 0.31
C LEU B 180 -10.72 16.57 0.14
N GLU B 181 -11.97 16.34 0.59
CA GLU B 181 -13.00 17.36 0.47
C GLU B 181 -12.77 18.53 1.43
N THR B 182 -11.94 18.35 2.45
CA THR B 182 -11.65 19.38 3.44
C THR B 182 -10.20 19.84 3.39
N ALA B 183 -9.44 19.46 2.36
CA ALA B 183 -7.99 19.65 2.43
C ALA B 183 -7.55 21.11 2.52
N THR B 184 -8.33 22.05 1.99
CA THR B 184 -7.95 23.45 2.06
C THR B 184 -8.51 24.18 3.29
N THR B 185 -9.02 23.44 4.27
CA THR B 185 -9.61 24.00 5.48
C THR B 185 -8.77 23.58 6.68
N GLY B 186 -9.19 24.07 7.85
CA GLY B 186 -8.63 23.65 9.12
C GLY B 186 -9.19 22.36 9.65
N ILE B 187 -9.97 21.64 8.86
CA ILE B 187 -10.49 20.31 9.21
C ILE B 187 -9.60 19.24 8.61
N THR B 188 -9.16 18.27 9.44
CA THR B 188 -8.51 17.07 8.93
C THR B 188 -9.34 15.82 9.26
N CYS B 189 -9.15 14.79 8.45
CA CYS B 189 -9.72 13.48 8.72
C CYS B 189 -8.64 12.43 8.48
N ASN B 190 -8.48 11.53 9.45
CA ASN B 190 -7.45 10.51 9.40
C ASN B 190 -7.97 9.29 10.14
N ALA B 191 -7.25 8.18 9.99
CA ALA B 191 -7.61 6.92 10.62
C ALA B 191 -6.44 6.41 11.45
N ILE B 192 -6.78 5.76 12.56
CA ILE B 192 -5.81 5.02 13.37
C ILE B 192 -6.07 3.55 13.11
N CYS B 193 -5.00 2.78 12.91
CA CYS B 193 -5.10 1.36 12.58
C CYS B 193 -4.38 0.54 13.63
N PRO B 194 -5.06 0.17 14.72
CA PRO B 194 -4.40 -0.69 15.72
C PRO B 194 -4.30 -2.13 15.24
N GLY B 195 -3.26 -2.81 15.71
CA GLY B 195 -3.24 -4.26 15.74
C GLY B 195 -3.96 -4.77 16.96
N TYR B 196 -3.52 -5.91 17.46
CA TYR B 196 -4.17 -6.53 18.61
C TYR B 196 -3.98 -5.68 19.86
N VAL B 197 -5.10 -5.34 20.50
CA VAL B 197 -5.17 -4.64 21.78
C VAL B 197 -5.94 -5.54 22.74
N TYR B 198 -5.50 -5.62 23.98
CA TYR B 198 -6.15 -6.53 24.92
C TYR B 198 -7.45 -5.88 25.41
N THR B 199 -8.53 -6.16 24.69
CA THR B 199 -9.87 -5.71 25.02
C THR B 199 -10.79 -6.92 25.07
N PRO B 200 -12.02 -6.75 25.55
CA PRO B 200 -12.94 -7.91 25.62
C PRO B 200 -13.19 -8.55 24.26
N LEU B 201 -13.17 -7.77 23.17
CA LEU B 201 -13.32 -8.35 21.83
C LEU B 201 -12.22 -9.36 21.53
N VAL B 202 -10.97 -8.93 21.67
CA VAL B 202 -9.84 -9.83 21.46
C VAL B 202 -9.83 -10.92 22.53
N GLU B 203 -10.26 -10.60 23.75
CA GLU B 203 -10.31 -11.62 24.79
C GLU B 203 -11.27 -12.76 24.42
N GLU B 204 -12.42 -12.41 23.86
CA GLU B 204 -13.37 -13.43 23.42
C GLU B 204 -12.78 -14.26 22.27
N GLN B 205 -12.12 -13.59 21.32
CA GLN B 205 -11.47 -14.36 20.25
C GLN B 205 -10.44 -15.33 20.81
N ILE B 206 -9.65 -14.89 21.79
CA ILE B 206 -8.63 -15.75 22.39
C ILE B 206 -9.28 -16.89 23.15
N LYS B 207 -10.41 -16.63 23.81
CA LYS B 207 -11.11 -17.70 24.52
C LYS B 207 -11.60 -18.76 23.54
N ALA B 208 -12.14 -18.32 22.39
CA ALA B 208 -12.55 -19.29 21.37
C ALA B 208 -11.36 -20.13 20.90
N VAL B 209 -10.23 -19.46 20.63
CA VAL B 209 -9.05 -20.19 20.18
C VAL B 209 -8.58 -21.18 21.25
N ALA B 210 -8.60 -20.76 22.52
CA ALA B 210 -8.13 -21.62 23.59
C ALA B 210 -9.02 -22.86 23.72
N GLU B 211 -10.34 -22.66 23.65
CA GLU B 211 -11.24 -23.82 23.75
C GLU B 211 -11.16 -24.72 22.53
N ALA B 212 -10.76 -24.17 21.37
CA ALA B 212 -10.72 -24.98 20.16
C ALA B 212 -9.41 -25.76 20.03
N LYS B 213 -8.28 -25.06 20.01
CA LYS B 213 -7.01 -25.67 19.63
C LYS B 213 -6.11 -26.02 20.81
N TYR B 214 -6.14 -25.25 21.90
CA TYR B 214 -5.22 -25.44 23.01
C TYR B 214 -5.92 -25.94 24.27
N GLY B 215 -7.11 -26.49 24.13
CA GLY B 215 -7.75 -27.20 25.23
C GLY B 215 -8.05 -26.36 26.44
N GLY B 216 -8.06 -25.03 26.31
CA GLY B 216 -8.38 -24.16 27.43
C GLY B 216 -7.17 -23.71 28.21
N ASP B 217 -6.07 -23.45 27.51
CA ASP B 217 -4.85 -22.90 28.10
C ASP B 217 -4.76 -21.45 27.65
N MET B 218 -4.95 -20.51 28.58
CA MET B 218 -5.02 -19.11 28.20
C MET B 218 -3.67 -18.50 27.89
N GLU B 219 -2.62 -18.91 28.61
CA GLU B 219 -1.29 -18.39 28.31
C GLU B 219 -0.84 -18.80 26.91
N ALA B 220 -0.92 -20.11 26.63
CA ALA B 220 -0.52 -20.59 25.31
C ALA B 220 -1.43 -20.02 24.23
N ALA B 221 -2.73 -19.92 24.50
CA ALA B 221 -3.65 -19.37 23.52
C ALA B 221 -3.30 -17.92 23.21
N THR B 222 -3.00 -17.14 24.24
CA THR B 222 -2.63 -15.74 24.04
C THR B 222 -1.34 -15.62 23.24
N GLN B 223 -0.34 -16.44 23.59
CA GLN B 223 0.93 -16.36 22.88
C GLN B 223 0.76 -16.74 21.42
N ALA B 224 0.01 -17.82 21.15
CA ALA B 224 -0.21 -18.24 19.76
C ALA B 224 -1.04 -17.21 19.01
N PHE B 225 -2.03 -16.62 19.67
CA PHE B 225 -2.86 -15.60 19.04
C PHE B 225 -2.01 -14.40 18.63
N LEU B 226 -1.09 -13.98 19.51
CA LEU B 226 -0.27 -12.82 19.19
C LEU B 226 0.75 -13.14 18.10
N CYS B 227 1.46 -14.27 18.25
CA CYS B 227 2.62 -14.50 17.38
C CYS B 227 2.24 -14.76 15.94
N GLU B 228 1.01 -15.21 15.66
CA GLU B 228 0.61 -15.41 14.27
C GLU B 228 0.72 -14.12 13.47
N LYS B 229 0.30 -13.01 14.07
CA LYS B 229 0.07 -11.76 13.33
C LYS B 229 0.94 -10.59 13.76
N GLN B 230 1.42 -10.57 15.01
CA GLN B 230 1.97 -9.34 15.59
C GLN B 230 3.43 -9.56 15.94
N PRO B 231 4.37 -9.11 15.08
CA PRO B 231 5.79 -9.44 15.28
C PRO B 231 6.36 -9.03 16.63
N ALA B 232 5.82 -7.98 17.25
CA ALA B 232 6.33 -7.56 18.55
C ALA B 232 6.04 -8.57 19.66
N LYS B 233 5.13 -9.53 19.42
CA LYS B 233 4.80 -10.55 20.42
C LYS B 233 4.35 -9.91 21.73
N ALA B 234 3.70 -8.75 21.60
CA ALA B 234 3.17 -7.98 22.71
C ALA B 234 1.93 -7.26 22.21
N PHE B 235 1.01 -6.95 23.12
CA PHE B 235 -0.17 -6.20 22.73
C PHE B 235 0.14 -4.72 22.60
N VAL B 236 -0.58 -4.06 21.68
CA VAL B 236 -0.77 -2.61 21.73
C VAL B 236 -1.71 -2.29 22.88
N THR B 237 -1.55 -1.11 23.48
CA THR B 237 -2.35 -0.72 24.63
C THR B 237 -3.37 0.34 24.24
N VAL B 238 -4.46 0.41 25.03
CA VAL B 238 -5.46 1.44 24.77
C VAL B 238 -4.86 2.83 24.96
N GLU B 239 -3.89 2.95 25.88
CA GLU B 239 -3.21 4.21 26.09
C GLU B 239 -2.45 4.65 24.85
N GLN B 240 -1.81 3.71 24.16
CA GLN B 240 -1.08 4.05 22.95
C GLN B 240 -2.02 4.50 21.83
N VAL B 241 -3.16 3.82 21.69
CA VAL B 241 -4.13 4.28 20.71
C VAL B 241 -4.61 5.69 21.06
N GLY B 242 -4.83 5.96 22.36
CA GLY B 242 -5.19 7.31 22.77
C GLY B 242 -4.11 8.33 22.45
N ASP B 243 -2.85 7.96 22.66
CA ASP B 243 -1.74 8.86 22.32
C ASP B 243 -1.74 9.22 20.83
N ALA B 244 -2.08 8.24 19.98
CA ALA B 244 -2.17 8.50 18.54
C ALA B 244 -3.30 9.46 18.25
N ALA B 245 -4.42 9.31 18.95
CA ALA B 245 -5.54 10.22 18.75
C ALA B 245 -5.17 11.64 19.17
N VAL B 246 -4.49 11.79 20.30
CA VAL B 246 -4.05 13.11 20.75
C VAL B 246 -3.10 13.73 19.74
N PHE B 247 -2.18 12.93 19.20
CA PHE B 247 -1.26 13.42 18.18
C PHE B 247 -2.02 13.94 16.97
N LEU B 248 -2.97 13.16 16.46
CA LEU B 248 -3.74 13.60 15.30
C LEU B 248 -4.56 14.86 15.60
N ALA B 249 -5.03 15.02 16.84
CA ALA B 249 -5.84 16.17 17.19
C ALA B 249 -5.02 17.45 17.40
N SER B 250 -3.71 17.35 17.51
CA SER B 250 -2.86 18.45 17.95
C SER B 250 -2.41 19.29 16.77
N PRO B 251 -1.87 20.50 17.05
CA PRO B 251 -1.49 21.41 15.94
C PRO B 251 -0.43 20.86 15.03
N GLY B 252 0.43 19.99 15.53
CA GLY B 252 1.47 19.40 14.69
C GLY B 252 0.94 18.55 13.57
N ALA B 253 -0.34 18.18 13.65
CA ALA B 253 -1.03 17.36 12.66
C ALA B 253 -1.95 18.16 11.76
N ASP B 254 -1.80 19.50 11.74
CA ASP B 254 -2.64 20.34 10.89
C ASP B 254 -2.59 19.94 9.42
N MET B 255 -1.46 19.40 8.97
CA MET B 255 -1.33 19.01 7.56
C MET B 255 -1.24 17.49 7.37
N ILE B 256 -1.58 16.71 8.38
CA ILE B 256 -1.77 15.27 8.24
C ILE B 256 -3.21 15.07 7.81
N ARG B 257 -3.39 14.60 6.58
CA ARG B 257 -4.73 14.53 5.97
C ARG B 257 -4.91 13.26 5.15
N GLY B 258 -5.95 12.51 5.46
CA GLY B 258 -6.36 11.35 4.70
C GLY B 258 -5.44 10.18 4.83
N THR B 259 -4.74 10.05 5.95
CA THR B 259 -3.77 8.99 6.09
C THR B 259 -4.12 8.09 7.29
N THR B 260 -3.31 7.05 7.44
CA THR B 260 -3.43 6.09 8.53
C THR B 260 -2.23 6.20 9.46
N ILE B 261 -2.50 6.18 10.76
CA ILE B 261 -1.48 6.00 11.80
C ILE B 261 -1.62 4.57 12.30
N THR B 262 -0.69 3.71 11.90
CA THR B 262 -0.76 2.28 12.18
C THR B 262 0.06 1.98 13.42
N VAL B 263 -0.62 1.42 14.42
CA VAL B 263 -0.03 1.15 15.74
C VAL B 263 -0.25 -0.34 15.95
N ASP B 264 0.70 -1.17 15.47
CA ASP B 264 0.39 -2.58 15.27
C ASP B 264 1.55 -3.53 15.55
N GLY B 265 2.62 -3.07 16.21
CA GLY B 265 3.69 -3.99 16.54
C GLY B 265 4.36 -4.62 15.34
N GLY B 266 4.25 -4.00 14.16
CA GLY B 266 4.84 -4.51 12.93
C GLY B 266 3.96 -5.38 12.05
N TRP B 267 2.68 -5.52 12.36
CA TRP B 267 1.79 -6.43 11.63
C TRP B 267 1.82 -6.19 10.13
N VAL B 268 1.63 -4.93 9.72
CA VAL B 268 1.53 -4.59 8.30
C VAL B 268 2.88 -4.43 7.65
N ALA B 269 3.96 -4.24 8.42
CA ALA B 269 5.29 -4.15 7.86
C ALA B 269 5.77 -5.44 7.21
N GLN B 270 5.24 -6.59 7.62
CA GLN B 270 5.60 -7.85 7.00
C GLN B 270 4.46 -8.37 6.11
N LYS C 9 -10.29 -25.49 -27.70
CA LYS C 9 -9.20 -24.86 -28.45
C LYS C 9 -8.75 -23.57 -27.78
N ARG C 10 -9.48 -23.13 -26.76
CA ARG C 10 -9.23 -21.85 -26.11
C ARG C 10 -9.12 -22.05 -24.60
N VAL C 11 -8.44 -21.09 -23.95
CA VAL C 11 -7.94 -21.31 -22.60
C VAL C 11 -9.07 -21.51 -21.59
N LEU C 12 -10.21 -20.85 -21.80
CA LEU C 12 -11.35 -20.98 -20.89
C LEU C 12 -12.47 -21.87 -21.47
N SER C 13 -12.15 -22.67 -22.48
CA SER C 13 -13.19 -23.49 -23.13
C SER C 13 -13.92 -24.36 -22.11
N GLY C 14 -15.23 -24.29 -22.12
CA GLY C 14 -16.05 -25.09 -21.25
C GLY C 14 -16.31 -24.46 -19.89
N ARG C 15 -15.59 -23.40 -19.53
CA ARG C 15 -15.79 -22.81 -18.22
C ARG C 15 -17.10 -22.05 -18.21
N VAL C 16 -17.82 -22.14 -17.11
CA VAL C 16 -19.09 -21.44 -16.93
C VAL C 16 -18.86 -20.16 -16.13
N ALA C 17 -19.11 -19.02 -16.76
CA ALA C 17 -18.94 -17.73 -16.13
C ALA C 17 -20.27 -17.00 -15.96
N VAL C 18 -20.42 -16.35 -14.81
CA VAL C 18 -21.53 -15.43 -14.56
C VAL C 18 -20.95 -14.05 -14.37
N VAL C 19 -21.45 -13.06 -15.12
CA VAL C 19 -21.01 -11.68 -14.96
C VAL C 19 -22.21 -10.88 -14.51
N THR C 20 -22.19 -10.39 -13.27
CA THR C 20 -23.32 -9.60 -12.83
C THR C 20 -23.22 -8.21 -13.47
N GLY C 21 -24.36 -7.62 -13.77
CA GLY C 21 -24.38 -6.28 -14.36
C GLY C 21 -23.66 -6.18 -15.69
N SER C 22 -24.03 -7.04 -16.64
CA SER C 22 -23.27 -7.20 -17.88
C SER C 22 -24.09 -6.90 -19.14
N THR C 23 -25.10 -6.02 -19.03
CA THR C 23 -25.89 -5.66 -20.20
C THR C 23 -25.30 -4.52 -20.99
N SER C 24 -24.28 -3.84 -20.46
CA SER C 24 -23.67 -2.72 -21.16
C SER C 24 -22.31 -2.46 -20.54
N GLY C 25 -21.56 -1.56 -21.16
CA GLY C 25 -20.34 -1.03 -20.58
C GLY C 25 -19.33 -2.10 -20.23
N ILE C 26 -18.74 -1.93 -19.03
CA ILE C 26 -17.63 -2.78 -18.62
C ILE C 26 -18.07 -4.22 -18.48
N GLY C 27 -19.26 -4.46 -17.91
CA GLY C 27 -19.70 -5.82 -17.70
C GLY C 27 -19.89 -6.56 -19.02
N LEU C 28 -20.47 -5.88 -20.00
CA LEU C 28 -20.60 -6.51 -21.32
C LEU C 28 -19.22 -6.77 -21.92
N GLY C 29 -18.29 -5.82 -21.76
CA GLY C 29 -16.94 -6.04 -22.29
C GLY C 29 -16.26 -7.26 -21.68
N ILE C 30 -16.44 -7.44 -20.37
CA ILE C 30 -15.89 -8.62 -19.70
C ILE C 30 -16.54 -9.88 -20.25
N ALA C 31 -17.87 -9.90 -20.36
CA ALA C 31 -18.53 -11.06 -20.91
C ALA C 31 -18.01 -11.40 -22.30
N MET C 32 -17.83 -10.37 -23.14
CA MET C 32 -17.33 -10.59 -24.50
CA MET C 32 -17.34 -10.62 -24.50
C MET C 32 -15.93 -11.18 -24.48
N ARG C 33 -15.06 -10.66 -23.62
CA ARG C 33 -13.69 -11.19 -23.61
C ARG C 33 -13.64 -12.60 -23.03
N LEU C 34 -14.44 -12.90 -22.01
CA LEU C 34 -14.50 -14.26 -21.48
C LEU C 34 -15.01 -15.24 -22.52
N ALA C 35 -16.06 -14.88 -23.26
CA ALA C 35 -16.54 -15.75 -24.33
C ALA C 35 -15.52 -15.89 -25.42
N MET C 36 -14.78 -14.82 -25.72
CA MET C 36 -13.74 -14.86 -26.73
C MET C 36 -12.66 -15.86 -26.36
N ALA C 37 -12.38 -16.00 -25.06
CA ALA C 37 -11.43 -16.96 -24.54
C ALA C 37 -12.05 -18.34 -24.31
N GLY C 38 -13.30 -18.54 -24.71
CA GLY C 38 -13.91 -19.86 -24.71
C GLY C 38 -14.96 -20.12 -23.64
N ALA C 39 -15.22 -19.17 -22.76
CA ALA C 39 -16.16 -19.39 -21.68
C ALA C 39 -17.61 -19.34 -22.15
N ASP C 40 -18.43 -20.22 -21.58
CA ASP C 40 -19.88 -20.04 -21.58
C ASP C 40 -20.19 -18.92 -20.59
N VAL C 41 -21.18 -18.08 -20.92
CA VAL C 41 -21.41 -16.86 -20.14
C VAL C 41 -22.90 -16.64 -19.87
N VAL C 42 -23.22 -16.33 -18.61
CA VAL C 42 -24.55 -15.84 -18.24
C VAL C 42 -24.45 -14.34 -18.03
N LEU C 43 -25.21 -13.61 -18.81
CA LEU C 43 -25.35 -12.16 -18.68
C LEU C 43 -26.46 -11.85 -17.67
N ASN C 44 -26.40 -10.65 -17.10
CA ASN C 44 -27.34 -10.26 -16.07
C ASN C 44 -27.61 -8.78 -16.11
N GLY C 45 -28.89 -8.42 -15.93
CA GLY C 45 -29.30 -7.04 -15.73
C GLY C 45 -30.47 -7.01 -14.77
N ARG C 46 -30.86 -5.79 -14.39
CA ARG C 46 -31.92 -5.63 -13.40
C ARG C 46 -33.26 -6.16 -13.91
N ARG C 47 -33.62 -5.82 -15.15
CA ARG C 47 -34.93 -6.12 -15.66
C ARG C 47 -34.83 -6.65 -17.08
N GLN C 48 -35.83 -7.42 -17.49
CA GLN C 48 -35.90 -7.89 -18.87
C GLN C 48 -36.13 -6.69 -19.78
N SER C 49 -35.40 -6.65 -20.88
CA SER C 49 -35.36 -5.50 -21.76
C SER C 49 -35.38 -5.94 -23.20
N PRO C 50 -35.82 -5.08 -24.12
CA PRO C 50 -35.39 -5.21 -25.51
C PRO C 50 -33.90 -4.95 -25.60
N GLU C 51 -33.29 -5.46 -26.67
CA GLU C 51 -31.85 -5.51 -26.89
C GLU C 51 -31.21 -6.63 -26.08
N ASP C 52 -31.94 -7.27 -25.15
CA ASP C 52 -31.36 -8.42 -24.45
C ASP C 52 -31.02 -9.54 -25.44
N SER C 53 -31.92 -9.79 -26.40
CA SER C 53 -31.57 -10.69 -27.49
C SER C 53 -30.36 -10.18 -28.25
N ALA C 54 -30.29 -8.86 -28.46
CA ALA C 54 -29.14 -8.27 -29.14
C ALA C 54 -27.83 -8.51 -28.40
N ILE C 55 -27.81 -8.28 -27.07
CA ILE C 55 -26.59 -8.47 -26.30
CA ILE C 55 -26.58 -8.46 -26.34
C ILE C 55 -26.21 -9.94 -26.29
N VAL C 56 -27.20 -10.83 -26.13
CA VAL C 56 -26.90 -12.26 -26.15
C VAL C 56 -26.26 -12.65 -27.48
N GLU C 57 -26.83 -12.20 -28.60
CA GLU C 57 -26.26 -12.52 -29.91
C GLU C 57 -24.86 -11.94 -30.05
N LYS C 58 -24.64 -10.74 -29.54
CA LYS C 58 -23.32 -10.14 -29.59
C LYS C 58 -22.29 -11.02 -28.90
N VAL C 59 -22.61 -11.49 -27.70
CA VAL C 59 -21.66 -12.33 -26.96
C VAL C 59 -21.55 -13.70 -27.62
N ALA C 60 -22.65 -14.23 -28.14
CA ALA C 60 -22.66 -15.54 -28.77
C ALA C 60 -21.91 -15.56 -30.09
N ALA C 61 -21.53 -14.39 -30.61
CA ALA C 61 -20.69 -14.36 -31.81
C ALA C 61 -19.35 -15.06 -31.60
N TYR C 62 -18.96 -15.30 -30.36
CA TYR C 62 -17.68 -15.96 -30.07
C TYR C 62 -17.82 -17.47 -29.98
N GLY C 63 -18.99 -18.03 -30.29
CA GLY C 63 -19.13 -19.45 -30.46
C GLY C 63 -19.33 -20.28 -29.21
N THR C 64 -19.67 -19.68 -28.09
CA THR C 64 -19.93 -20.41 -26.83
C THR C 64 -21.41 -20.31 -26.47
N ARG C 65 -21.78 -20.95 -25.36
CA ARG C 65 -23.14 -20.91 -24.88
C ARG C 65 -23.36 -19.67 -24.03
N VAL C 66 -24.40 -18.90 -24.38
CA VAL C 66 -24.68 -17.62 -23.74
C VAL C 66 -26.13 -17.64 -23.28
N ARG C 67 -26.35 -17.16 -22.06
CA ARG C 67 -27.68 -17.03 -21.48
C ARG C 67 -27.84 -15.63 -20.90
N TYR C 68 -29.10 -15.26 -20.61
CA TYR C 68 -29.40 -14.02 -19.92
C TYR C 68 -30.36 -14.31 -18.78
N PHE C 69 -30.14 -13.68 -17.63
CA PHE C 69 -31.03 -13.80 -16.49
C PHE C 69 -31.20 -12.43 -15.84
N ALA C 70 -32.43 -11.97 -15.73
CA ALA C 70 -32.72 -10.71 -15.04
C ALA C 70 -32.79 -10.96 -13.54
N ALA C 71 -32.02 -10.19 -12.79
CA ALA C 71 -32.02 -10.33 -11.33
C ALA C 71 -31.44 -9.06 -10.72
N ASN C 72 -32.11 -8.57 -9.68
CA ASN C 72 -31.65 -7.40 -8.93
C ASN C 72 -30.65 -7.87 -7.88
N MET C 73 -29.39 -7.50 -8.03
CA MET C 73 -28.34 -8.03 -7.16
C MET C 73 -28.45 -7.55 -5.73
N LYS C 74 -29.32 -6.57 -5.44
CA LYS C 74 -29.59 -6.15 -4.07
C LYS C 74 -30.46 -7.13 -3.31
N ASP C 75 -31.08 -8.08 -4.00
CA ASP C 75 -32.03 -9.02 -3.42
C ASP C 75 -31.35 -10.39 -3.38
N ARG C 76 -31.03 -10.83 -2.17
CA ARG C 76 -30.26 -12.07 -2.02
C ARG C 76 -30.98 -13.24 -2.67
N ALA C 77 -32.32 -13.26 -2.61
CA ALA C 77 -33.08 -14.34 -3.23
C ALA C 77 -32.91 -14.35 -4.74
N GLN C 78 -32.82 -13.16 -5.35
CA GLN C 78 -32.63 -13.11 -6.80
C GLN C 78 -31.19 -13.47 -7.18
N VAL C 79 -30.22 -13.16 -6.33
CA VAL C 79 -28.84 -13.60 -6.58
C VAL C 79 -28.80 -15.12 -6.57
N GLU C 80 -29.46 -15.73 -5.57
CA GLU C 80 -29.54 -17.18 -5.53
C GLU C 80 -30.23 -17.72 -6.78
N ALA C 81 -31.29 -17.04 -7.23
CA ALA C 81 -32.00 -17.50 -8.41
C ALA C 81 -31.10 -17.46 -9.64
N LEU C 82 -30.25 -16.44 -9.74
CA LEU C 82 -29.29 -16.34 -10.84
C LEU C 82 -28.33 -17.50 -10.84
N ILE C 83 -27.83 -17.85 -9.66
CA ILE C 83 -26.89 -18.97 -9.57
C ILE C 83 -27.58 -20.29 -9.92
N LYS C 84 -28.78 -20.51 -9.39
CA LYS C 84 -29.51 -21.74 -9.67
C LYS C 84 -29.86 -21.84 -11.16
N PHE C 85 -30.23 -20.72 -11.78
CA PHE C 85 -30.52 -20.72 -13.21
C PHE C 85 -29.28 -21.11 -13.99
N THR C 86 -28.13 -20.58 -13.59
CA THR C 86 -26.89 -20.95 -14.26
C THR C 86 -26.60 -22.44 -14.11
N GLU C 87 -26.77 -22.96 -12.90
CA GLU C 87 -26.50 -24.39 -12.66
C GLU C 87 -27.43 -25.26 -13.50
N LYS C 88 -28.68 -24.83 -13.66
CA LYS C 88 -29.63 -25.63 -14.43
C LYS C 88 -29.32 -25.57 -15.92
N GLU C 89 -28.93 -24.40 -16.42
CA GLU C 89 -28.77 -24.21 -17.87
C GLU C 89 -27.41 -24.67 -18.37
N LEU C 90 -26.33 -24.42 -17.62
CA LEU C 90 -24.98 -24.63 -18.09
C LEU C 90 -24.16 -25.54 -17.19
N GLY C 91 -24.45 -25.57 -15.91
CA GLY C 91 -23.69 -26.30 -14.93
C GLY C 91 -23.17 -25.35 -13.88
N ALA C 92 -22.30 -25.88 -13.05
CA ALA C 92 -21.83 -25.15 -11.89
C ALA C 92 -21.15 -23.86 -12.29
N VAL C 93 -21.32 -22.84 -11.44
CA VAL C 93 -20.67 -21.57 -11.68
C VAL C 93 -19.20 -21.71 -11.32
N GLU C 94 -18.33 -21.58 -12.32
CA GLU C 94 -16.89 -21.73 -12.15
C GLU C 94 -16.17 -20.41 -12.04
N ILE C 95 -16.61 -19.39 -12.78
CA ILE C 95 -16.04 -18.05 -12.78
C ILE C 95 -17.17 -17.11 -12.42
N LEU C 96 -17.02 -16.40 -11.32
CA LEU C 96 -17.98 -15.40 -10.86
C LEU C 96 -17.32 -14.03 -10.98
N VAL C 97 -17.93 -13.16 -11.77
CA VAL C 97 -17.44 -11.76 -11.91
C VAL C 97 -18.49 -10.87 -11.25
N ASN C 98 -18.11 -10.25 -10.14
CA ASN C 98 -18.98 -9.32 -9.42
C ASN C 98 -18.77 -7.92 -9.99
N ASN C 99 -19.77 -7.42 -10.72
CA ASN C 99 -19.75 -6.15 -11.45
C ASN C 99 -21.12 -5.48 -11.40
N ALA C 100 -21.87 -5.69 -10.34
CA ALA C 100 -23.04 -4.87 -10.04
C ALA C 100 -22.48 -3.67 -9.28
N GLY C 101 -22.34 -2.56 -9.99
CA GLY C 101 -21.86 -1.36 -9.33
C GLY C 101 -22.59 -0.13 -9.80
N ILE C 102 -22.86 0.80 -8.88
CA ILE C 102 -23.44 2.09 -9.23
C ILE C 102 -22.62 3.20 -8.57
N GLN C 103 -22.88 4.44 -9.02
CA GLN C 103 -22.14 5.62 -8.59
C GLN C 103 -23.13 6.73 -8.26
N HIS C 104 -22.72 7.62 -7.35
CA HIS C 104 -23.41 8.87 -7.09
C HIS C 104 -22.42 9.89 -6.56
N VAL C 105 -22.34 11.03 -7.24
CA VAL C 105 -21.38 12.08 -6.93
C VAL C 105 -22.07 13.15 -6.07
N SER C 106 -21.48 13.44 -4.91
CA SER C 106 -21.99 14.39 -3.95
C SER C 106 -20.95 14.65 -2.88
N PRO C 107 -20.84 15.88 -2.39
CA PRO C 107 -20.03 16.11 -1.18
C PRO C 107 -20.62 15.34 -0.01
N VAL C 108 -19.77 15.05 0.97
CA VAL C 108 -20.18 14.22 2.09
C VAL C 108 -21.36 14.85 2.84
N GLU C 109 -21.33 16.16 3.04
CA GLU C 109 -22.33 16.83 3.89
C GLU C 109 -23.74 16.61 3.40
N THR C 110 -23.94 16.54 2.08
CA THR C 110 -25.28 16.42 1.50
C THR C 110 -25.50 15.05 0.87
N PHE C 111 -24.61 14.09 1.11
CA PHE C 111 -24.72 12.78 0.46
C PHE C 111 -26.02 12.10 0.93
N PRO C 112 -26.94 11.79 0.03
CA PRO C 112 -28.20 11.18 0.47
C PRO C 112 -27.97 9.84 1.17
N SER C 113 -28.68 9.64 2.27
CA SER C 113 -28.49 8.42 3.06
C SER C 113 -28.90 7.19 2.26
N ASP C 114 -30.00 7.27 1.52
CA ASP C 114 -30.42 6.10 0.74
C ASP C 114 -29.43 5.79 -0.37
N LYS C 115 -28.79 6.82 -0.94
CA LYS C 115 -27.81 6.55 -1.99
C LYS C 115 -26.56 5.92 -1.41
N TRP C 116 -26.09 6.40 -0.25
CA TRP C 116 -24.98 5.73 0.45
C TRP C 116 -25.30 4.25 0.65
N ASP C 117 -26.49 3.97 1.21
CA ASP C 117 -26.87 2.58 1.48
C ASP C 117 -26.91 1.74 0.20
N GLU C 118 -27.40 2.31 -0.89
CA GLU C 118 -27.54 1.55 -2.12
C GLU C 118 -26.19 1.25 -2.74
N ILE C 119 -25.25 2.19 -2.65
CA ILE C 119 -23.91 1.97 -3.17
C ILE C 119 -23.19 0.90 -2.35
N ILE C 120 -23.30 0.94 -1.01
CA ILE C 120 -22.72 -0.12 -0.21
C ILE C 120 -23.35 -1.47 -0.59
N ALA C 121 -24.68 -1.49 -0.72
CA ALA C 121 -25.39 -2.74 -0.97
C ALA C 121 -24.97 -3.37 -2.30
N LEU C 122 -24.93 -2.58 -3.37
CA LEU C 122 -24.64 -3.15 -4.67
C LEU C 122 -23.15 -3.34 -4.91
N ASN C 123 -22.31 -2.38 -4.49
CA ASN C 123 -20.88 -2.47 -4.83
C ASN C 123 -20.12 -3.39 -3.87
N LEU C 124 -20.62 -3.65 -2.67
CA LEU C 124 -19.95 -4.49 -1.69
C LEU C 124 -20.80 -5.68 -1.26
N THR C 125 -21.98 -5.46 -0.67
CA THR C 125 -22.69 -6.56 -0.04
C THR C 125 -23.19 -7.56 -1.06
N SER C 126 -23.57 -7.10 -2.25
CA SER C 126 -23.99 -8.03 -3.30
C SER C 126 -22.89 -9.00 -3.69
N ALA C 127 -21.64 -8.52 -3.73
CA ALA C 127 -20.51 -9.40 -4.03
C ALA C 127 -20.32 -10.45 -2.93
N PHE C 128 -20.53 -10.06 -1.67
CA PHE C 128 -20.50 -11.03 -0.58
C PHE C 128 -21.56 -12.10 -0.77
N HIS C 129 -22.80 -11.70 -1.07
CA HIS C 129 -23.86 -12.70 -1.20
C HIS C 129 -23.55 -13.66 -2.35
N ALA C 130 -23.16 -13.13 -3.50
CA ALA C 130 -22.88 -13.99 -4.65
C ALA C 130 -21.72 -14.94 -4.35
N THR C 131 -20.65 -14.41 -3.73
CA THR C 131 -19.49 -15.23 -3.41
C THR C 131 -19.86 -16.32 -2.43
N GLN C 132 -20.60 -15.96 -1.38
CA GLN C 132 -21.07 -16.94 -0.40
C GLN C 132 -21.85 -18.04 -1.07
N LEU C 133 -22.72 -17.71 -2.03
CA LEU C 133 -23.54 -18.71 -2.67
C LEU C 133 -22.76 -19.60 -3.64
N CYS C 134 -21.67 -19.10 -4.21
CA CYS C 134 -20.89 -19.86 -5.19
C CYS C 134 -19.77 -20.69 -4.59
N LEU C 135 -19.22 -20.29 -3.44
CA LEU C 135 -18.02 -20.96 -2.93
C LEU C 135 -18.22 -22.44 -2.63
N PRO C 136 -19.34 -22.90 -2.07
CA PRO C 136 -19.40 -24.34 -1.70
C PRO C 136 -19.22 -25.27 -2.90
N SER C 137 -19.85 -24.94 -4.03
CA SER C 137 -19.69 -25.74 -5.24
C SER C 137 -18.25 -25.65 -5.75
N MET C 138 -17.65 -24.46 -5.71
CA MET C 138 -16.26 -24.34 -6.18
C MET C 138 -15.35 -25.22 -5.33
N ARG C 139 -15.56 -25.26 -4.02
CA ARG C 139 -14.73 -26.09 -3.14
C ARG C 139 -14.92 -27.56 -3.49
N GLN C 140 -16.17 -27.96 -3.71
CA GLN C 140 -16.44 -29.35 -4.05
C GLN C 140 -15.76 -29.73 -5.36
N ARG C 141 -15.76 -28.81 -6.35
CA ARG C 141 -15.20 -29.12 -7.66
C ARG C 141 -13.71 -28.87 -7.75
N GLY C 142 -13.07 -28.30 -6.72
CA GLY C 142 -11.64 -28.11 -6.73
C GLY C 142 -11.12 -26.97 -7.58
N TRP C 143 -11.99 -26.06 -7.99
CA TRP C 143 -11.55 -24.96 -8.84
C TRP C 143 -12.55 -23.81 -8.74
N GLY C 144 -12.06 -22.59 -8.81
CA GLY C 144 -12.95 -21.44 -8.92
C GLY C 144 -12.18 -20.18 -9.20
N ARG C 145 -12.89 -19.22 -9.76
CA ARG C 145 -12.39 -17.85 -9.87
C ARG C 145 -13.48 -16.90 -9.41
N ILE C 146 -13.15 -16.07 -8.42
CA ILE C 146 -13.98 -14.93 -8.01
CA ILE C 146 -13.99 -14.93 -8.04
C ILE C 146 -13.22 -13.68 -8.42
N ILE C 147 -13.79 -12.91 -9.32
CA ILE C 147 -13.16 -11.71 -9.89
C ILE C 147 -14.06 -10.53 -9.55
N ASN C 148 -13.56 -9.64 -8.70
CA ASN C 148 -14.35 -8.51 -8.24
C ASN C 148 -13.91 -7.26 -8.99
N ILE C 149 -14.87 -6.58 -9.61
CA ILE C 149 -14.57 -5.37 -10.34
C ILE C 149 -14.65 -4.21 -9.35
N ALA C 150 -13.48 -3.80 -8.90
CA ALA C 150 -13.27 -2.68 -8.00
C ALA C 150 -13.04 -1.45 -8.85
N SER C 151 -12.07 -0.66 -8.48
CA SER C 151 -11.81 0.63 -9.10
C SER C 151 -10.49 1.14 -8.51
N VAL C 152 -9.87 2.13 -9.20
CA VAL C 152 -8.84 2.94 -8.54
C VAL C 152 -9.38 3.52 -7.24
N GLN C 153 -10.69 3.78 -7.19
CA GLN C 153 -11.33 4.33 -6.01
C GLN C 153 -11.37 3.37 -4.83
N GLY C 154 -10.98 2.10 -5.01
CA GLY C 154 -10.75 1.19 -3.91
C GLY C 154 -9.36 1.25 -3.31
N LEU C 155 -8.45 1.99 -3.94
CA LEU C 155 -7.08 2.16 -3.49
C LEU C 155 -6.71 3.57 -3.08
N VAL C 156 -7.40 4.58 -3.60
CA VAL C 156 -7.22 5.99 -3.28
C VAL C 156 -8.60 6.63 -3.18
N GLY C 157 -8.63 7.84 -2.64
CA GLY C 157 -9.87 8.58 -2.54
C GLY C 157 -9.96 9.61 -3.65
N SER C 158 -11.20 10.02 -3.92
CA SER C 158 -11.47 11.17 -4.78
C SER C 158 -12.61 11.99 -4.20
N MET C 159 -12.55 13.31 -4.37
CA MET C 159 -13.59 14.17 -3.83
C MET C 159 -14.95 13.79 -4.40
N ASN C 160 -15.96 13.89 -3.54
CA ASN C 160 -17.36 13.75 -3.87
C ASN C 160 -17.75 12.32 -4.18
N LYS C 161 -16.91 11.35 -3.83
CA LYS C 161 -17.21 9.95 -4.07
C LYS C 161 -17.04 9.13 -2.81
N SER C 162 -17.53 9.63 -1.68
CA SER C 162 -17.27 8.97 -0.41
C SER C 162 -17.88 7.56 -0.38
N ALA C 163 -19.15 7.43 -0.74
CA ALA C 163 -19.77 6.11 -0.65
C ALA C 163 -19.09 5.12 -1.59
N TYR C 164 -18.79 5.55 -2.80
CA TYR C 164 -18.17 4.67 -3.80
C TYR C 164 -16.76 4.27 -3.41
N CYS C 165 -15.95 5.23 -2.94
CA CYS C 165 -14.61 4.89 -2.44
C CYS C 165 -14.71 3.94 -1.24
N ALA C 166 -15.65 4.18 -0.33
CA ALA C 166 -15.76 3.28 0.81
C ALA C 166 -16.14 1.88 0.33
N ALA C 167 -17.13 1.77 -0.57
CA ALA C 167 -17.58 0.46 -1.02
C ALA C 167 -16.50 -0.27 -1.82
N LYS C 168 -15.74 0.45 -2.65
CA LYS C 168 -14.69 -0.20 -3.45
C LYS C 168 -13.50 -0.59 -2.58
N HIS C 169 -13.10 0.26 -1.60
CA HIS C 169 -12.11 -0.17 -0.63
C HIS C 169 -12.59 -1.43 0.08
N GLY C 170 -13.86 -1.43 0.53
CA GLY C 170 -14.38 -2.60 1.20
C GLY C 170 -14.35 -3.84 0.34
N LEU C 171 -14.63 -3.69 -0.97
CA LEU C 171 -14.63 -4.83 -1.88
C LEU C 171 -13.22 -5.43 -2.03
N ILE C 172 -12.21 -4.56 -2.01
CA ILE C 172 -10.80 -5.02 -2.03
C ILE C 172 -10.45 -5.74 -0.72
N GLY C 173 -10.93 -5.22 0.42
CA GLY C 173 -10.69 -5.92 1.68
C GLY C 173 -11.33 -7.30 1.69
N PHE C 174 -12.58 -7.37 1.21
CA PHE C 174 -13.30 -8.63 1.11
C PHE C 174 -12.53 -9.61 0.24
N THR C 175 -12.02 -9.12 -0.88
CA THR C 175 -11.24 -9.93 -1.81
C THR C 175 -10.06 -10.61 -1.12
N LYS C 176 -9.33 -9.82 -0.32
CA LYS C 176 -8.20 -10.39 0.42
C LYS C 176 -8.66 -11.53 1.33
N VAL C 177 -9.76 -11.33 2.08
CA VAL C 177 -10.18 -12.36 3.01
C VAL C 177 -10.60 -13.63 2.27
N VAL C 178 -11.40 -13.49 1.22
CA VAL C 178 -11.83 -14.68 0.47
C VAL C 178 -10.64 -15.44 -0.07
N ALA C 179 -9.65 -14.70 -0.58
CA ALA C 179 -8.44 -15.33 -1.10
C ALA C 179 -7.71 -16.09 -0.01
N LEU C 180 -7.61 -15.51 1.20
CA LEU C 180 -6.87 -16.16 2.26
C LEU C 180 -7.60 -17.42 2.74
N GLU C 181 -8.93 -17.37 2.79
CA GLU C 181 -9.72 -18.51 3.22
C GLU C 181 -9.73 -19.65 2.19
N THR C 182 -9.33 -19.39 0.95
CA THR C 182 -9.27 -20.40 -0.11
C THR C 182 -7.85 -20.63 -0.60
N ALA C 183 -6.84 -20.12 0.12
CA ALA C 183 -5.49 -20.08 -0.45
C ALA C 183 -4.89 -21.45 -0.76
N THR C 184 -5.26 -22.51 -0.05
CA THR C 184 -4.71 -23.85 -0.26
C THR C 184 -5.53 -24.67 -1.26
N THR C 185 -6.47 -24.04 -1.94
CA THR C 185 -7.37 -24.71 -2.86
C THR C 185 -7.13 -24.22 -4.29
N GLY C 186 -7.89 -24.83 -5.23
CA GLY C 186 -7.89 -24.35 -6.59
C GLY C 186 -8.76 -23.14 -6.86
N ILE C 187 -9.30 -22.50 -5.82
CA ILE C 187 -10.12 -21.29 -5.95
C ILE C 187 -9.23 -20.09 -5.67
N THR C 188 -9.30 -19.07 -6.55
CA THR C 188 -8.66 -17.78 -6.25
C THR C 188 -9.71 -16.67 -6.23
N CYS C 189 -9.39 -15.57 -5.53
CA CYS C 189 -10.24 -14.40 -5.51
C CYS C 189 -9.31 -13.20 -5.66
N ASN C 190 -9.63 -12.31 -6.61
CA ASN C 190 -8.79 -11.15 -6.91
C ASN C 190 -9.71 -10.03 -7.39
N ALA C 191 -9.16 -8.82 -7.45
CA ALA C 191 -9.92 -7.66 -7.89
C ALA C 191 -9.23 -6.98 -9.06
N ILE C 192 -10.03 -6.41 -9.95
CA ILE C 192 -9.55 -5.59 -11.05
C ILE C 192 -9.91 -4.16 -10.71
N CYS C 193 -8.94 -3.26 -10.83
CA CYS C 193 -9.14 -1.85 -10.50
C CYS C 193 -8.97 -0.94 -11.72
N PRO C 194 -10.04 -0.69 -12.45
CA PRO C 194 -9.96 0.24 -13.58
C PRO C 194 -9.90 1.70 -13.16
N GLY C 195 -9.22 2.46 -13.97
CA GLY C 195 -9.35 3.91 -13.99
C GLY C 195 -10.54 4.28 -14.85
N TYR C 196 -10.49 5.47 -15.42
CA TYR C 196 -11.61 5.93 -16.24
C TYR C 196 -11.77 5.10 -17.50
N VAL C 197 -13.00 4.67 -17.74
CA VAL C 197 -13.43 3.92 -18.91
C VAL C 197 -14.59 4.71 -19.51
N TYR C 198 -14.69 4.75 -20.85
CA TYR C 198 -15.71 5.56 -21.52
C TYR C 198 -17.04 4.81 -21.59
N THR C 199 -17.72 4.78 -20.45
CA THR C 199 -19.06 4.26 -20.30
C THR C 199 -20.06 5.37 -20.04
N PRO C 200 -21.36 5.08 -20.13
CA PRO C 200 -22.37 6.03 -19.64
C PRO C 200 -22.16 6.47 -18.20
N LEU C 201 -21.71 5.57 -17.31
CA LEU C 201 -21.46 5.95 -15.91
C LEU C 201 -20.46 7.10 -15.81
N VAL C 202 -19.48 7.15 -16.72
CA VAL C 202 -18.47 8.20 -16.69
C VAL C 202 -18.97 9.44 -17.43
N GLU C 203 -19.42 9.28 -18.68
CA GLU C 203 -19.81 10.42 -19.49
C GLU C 203 -21.24 10.86 -19.18
N GLU C 219 -14.02 16.90 -27.69
CA GLU C 219 -12.60 16.53 -27.63
C GLU C 219 -11.94 17.24 -26.44
N ALA C 220 -12.12 18.55 -26.36
CA ALA C 220 -11.58 19.32 -25.24
C ALA C 220 -12.21 18.88 -23.92
N ALA C 221 -13.52 18.61 -23.93
CA ALA C 221 -14.18 18.15 -22.72
C ALA C 221 -13.58 16.83 -22.24
N THR C 222 -13.27 15.93 -23.17
CA THR C 222 -12.67 14.64 -22.83
C THR C 222 -11.31 14.84 -22.17
N GLN C 223 -10.45 15.65 -22.79
CA GLN C 223 -9.12 15.86 -22.23
C GLN C 223 -9.21 16.53 -20.86
N ALA C 224 -10.17 17.43 -20.70
CA ALA C 224 -10.38 18.06 -19.40
C ALA C 224 -10.75 17.03 -18.35
N PHE C 225 -11.68 16.13 -18.67
CA PHE C 225 -12.08 15.14 -17.68
C PHE C 225 -10.94 14.20 -17.34
N LEU C 226 -10.14 13.82 -18.33
CA LEU C 226 -9.07 12.85 -18.07
C LEU C 226 -7.85 13.46 -17.38
N CYS C 227 -7.60 14.74 -17.60
CA CYS C 227 -6.32 15.33 -17.28
C CYS C 227 -6.02 15.26 -15.79
N GLU C 228 -7.02 15.51 -14.93
CA GLU C 228 -6.77 15.62 -13.50
C GLU C 228 -6.25 14.31 -12.93
N LYS C 229 -6.81 13.19 -13.35
CA LYS C 229 -6.59 11.92 -12.64
C LYS C 229 -5.77 10.88 -13.39
N GLN C 230 -5.80 10.89 -14.72
CA GLN C 230 -5.32 9.75 -15.50
C GLN C 230 -4.14 10.17 -16.36
N PRO C 231 -2.90 9.86 -15.94
CA PRO C 231 -1.72 10.39 -16.63
C PRO C 231 -1.63 10.03 -18.10
N ALA C 232 -2.18 8.89 -18.49
CA ALA C 232 -2.13 8.50 -19.90
C ALA C 232 -2.94 9.42 -20.82
N LYS C 233 -3.82 10.25 -20.26
CA LYS C 233 -4.63 11.18 -21.06
C LYS C 233 -5.42 10.44 -22.13
N ALA C 234 -5.85 9.23 -21.78
CA ALA C 234 -6.66 8.37 -22.63
C ALA C 234 -7.48 7.47 -21.71
N PHE C 235 -8.59 6.98 -22.26
CA PHE C 235 -9.44 6.07 -21.50
C PHE C 235 -8.91 4.65 -21.53
N VAL C 236 -9.14 3.94 -20.42
CA VAL C 236 -9.08 2.50 -20.43
C VAL C 236 -10.30 2.00 -21.18
N THR C 237 -10.16 0.87 -21.91
CA THR C 237 -11.28 0.30 -22.67
C THR C 237 -11.94 -0.87 -21.94
N VAL C 238 -13.21 -1.13 -22.33
CA VAL C 238 -13.90 -2.27 -21.71
C VAL C 238 -13.23 -3.57 -22.10
N GLU C 239 -12.62 -3.61 -23.30
CA GLU C 239 -11.91 -4.80 -23.74
C GLU C 239 -10.69 -5.04 -22.86
N GLN C 240 -10.00 -3.98 -22.44
CA GLN C 240 -8.84 -4.15 -21.57
C GLN C 240 -9.23 -4.68 -20.19
N VAL C 241 -10.35 -4.19 -19.64
CA VAL C 241 -10.81 -4.73 -18.36
C VAL C 241 -11.14 -6.22 -18.52
N GLY C 242 -11.82 -6.57 -19.61
CA GLY C 242 -12.10 -7.97 -19.91
C GLY C 242 -10.83 -8.80 -20.06
N ASP C 243 -9.80 -8.24 -20.69
CA ASP C 243 -8.54 -8.94 -20.84
C ASP C 243 -7.90 -9.23 -19.49
N ALA C 244 -8.05 -8.30 -18.54
CA ALA C 244 -7.54 -8.56 -17.18
C ALA C 244 -8.33 -9.69 -16.52
N ALA C 245 -9.65 -9.76 -16.75
CA ALA C 245 -10.44 -10.85 -16.20
C ALA C 245 -10.01 -12.19 -16.82
N VAL C 246 -9.81 -12.23 -18.15
CA VAL C 246 -9.35 -13.47 -18.78
C VAL C 246 -8.02 -13.91 -18.17
N PHE C 247 -7.10 -12.96 -17.99
CA PHE C 247 -5.82 -13.29 -17.37
C PHE C 247 -6.01 -13.90 -15.97
N LEU C 248 -6.85 -13.29 -15.16
CA LEU C 248 -7.06 -13.81 -13.81
C LEU C 248 -7.71 -15.18 -13.85
N ALA C 249 -8.53 -15.46 -14.86
CA ALA C 249 -9.19 -16.74 -14.93
C ALA C 249 -8.33 -17.88 -15.52
N SER C 250 -7.17 -17.56 -16.05
CA SER C 250 -6.35 -18.52 -16.78
CA SER C 250 -6.31 -18.48 -16.79
C SER C 250 -5.42 -19.28 -15.84
N PRO C 251 -4.84 -20.39 -16.32
CA PRO C 251 -4.00 -21.21 -15.45
C PRO C 251 -2.76 -20.49 -14.93
N GLY C 252 -2.22 -19.51 -15.68
CA GLY C 252 -1.09 -18.76 -15.19
C GLY C 252 -1.36 -17.98 -13.95
N ALA C 253 -2.64 -17.80 -13.58
CA ALA C 253 -3.07 -17.08 -12.40
C ALA C 253 -3.48 -17.99 -11.26
N ASP C 254 -3.09 -19.28 -11.34
CA ASP C 254 -3.44 -20.22 -10.28
C ASP C 254 -2.93 -19.78 -8.91
N MET C 255 -1.83 -19.04 -8.86
CA MET C 255 -1.28 -18.60 -7.58
CA MET C 255 -1.23 -18.60 -7.61
C MET C 255 -1.32 -17.08 -7.40
N ILE C 256 -2.17 -16.40 -8.19
CA ILE C 256 -2.47 -14.99 -7.98
C ILE C 256 -3.68 -14.98 -7.05
N ARG C 257 -3.48 -14.52 -5.83
CA ARG C 257 -4.51 -14.63 -4.80
C ARG C 257 -4.54 -13.37 -3.94
N GLY C 258 -5.72 -12.77 -3.83
CA GLY C 258 -5.95 -11.69 -2.90
C GLY C 258 -5.37 -10.38 -3.34
N THR C 259 -5.17 -10.20 -4.64
CA THR C 259 -4.49 -9.01 -5.13
C THR C 259 -5.36 -8.22 -6.06
N THR C 260 -4.81 -7.06 -6.48
CA THR C 260 -5.46 -6.15 -7.40
C THR C 260 -4.68 -6.11 -8.71
N ILE C 261 -5.42 -6.13 -9.81
CA ILE C 261 -4.86 -5.87 -11.14
C ILE C 261 -5.35 -4.49 -11.56
N THR C 262 -4.47 -3.50 -11.48
CA THR C 262 -4.85 -2.11 -11.67
C THR C 262 -4.60 -1.72 -13.12
N VAL C 263 -5.67 -1.27 -13.80
CA VAL C 263 -5.67 -0.96 -15.23
C VAL C 263 -6.17 0.48 -15.31
N ASP C 264 -5.23 1.44 -15.20
CA ASP C 264 -5.60 2.81 -14.88
C ASP C 264 -4.77 3.91 -15.54
N GLY C 265 -3.96 3.61 -16.55
CA GLY C 265 -3.24 4.66 -17.21
C GLY C 265 -2.30 5.45 -16.31
N GLY C 266 -1.90 4.88 -15.17
CA GLY C 266 -0.99 5.54 -14.26
C GLY C 266 -1.61 6.22 -13.05
N TRP C 267 -2.93 6.18 -12.89
CA TRP C 267 -3.59 6.95 -11.83
C TRP C 267 -2.98 6.72 -10.46
N VAL C 268 -2.82 5.45 -10.06
CA VAL C 268 -2.37 5.12 -8.71
C VAL C 268 -0.87 5.16 -8.60
N ALA C 269 -0.15 5.12 -9.71
CA ALA C 269 1.30 5.24 -9.65
C ALA C 269 1.79 6.60 -9.19
N GLN C 270 1.00 7.67 -9.35
CA GLN C 270 1.39 8.98 -8.90
C GLN C 270 0.58 9.31 -7.62
N ARG D 10 0.26 -15.75 -32.56
CA ARG D 10 1.00 -15.57 -31.31
C ARG D 10 1.15 -14.09 -30.99
N VAL D 11 0.78 -13.72 -29.76
CA VAL D 11 0.50 -12.33 -29.44
C VAL D 11 1.72 -11.44 -29.59
N LEU D 12 2.93 -11.99 -29.38
CA LEU D 12 4.16 -11.21 -29.43
C LEU D 12 4.99 -11.50 -30.67
N SER D 13 4.41 -12.09 -31.71
CA SER D 13 5.20 -12.48 -32.88
C SER D 13 5.93 -11.28 -33.44
N GLY D 14 7.24 -11.42 -33.65
CA GLY D 14 8.06 -10.40 -34.25
C GLY D 14 8.76 -9.49 -33.26
N ARG D 15 8.23 -9.38 -32.04
CA ARG D 15 8.84 -8.49 -31.06
C ARG D 15 10.18 -9.04 -30.59
N VAL D 16 11.13 -8.14 -30.35
CA VAL D 16 12.45 -8.49 -29.87
C VAL D 16 12.50 -8.22 -28.37
N ALA D 17 12.81 -9.27 -27.60
CA ALA D 17 12.85 -9.17 -26.15
C ALA D 17 14.26 -9.48 -25.67
N VAL D 18 14.67 -8.77 -24.61
CA VAL D 18 15.91 -9.05 -23.88
C VAL D 18 15.53 -9.36 -22.45
N VAL D 19 15.97 -10.50 -21.94
CA VAL D 19 15.72 -10.88 -20.55
C VAL D 19 17.08 -10.98 -19.85
N THR D 20 17.31 -10.12 -18.88
CA THR D 20 18.59 -10.21 -18.17
C THR D 20 18.52 -11.33 -17.13
N GLY D 21 19.66 -11.99 -16.90
CA GLY D 21 19.69 -13.11 -15.98
C GLY D 21 18.69 -14.20 -16.32
N SER D 22 18.75 -14.69 -17.56
CA SER D 22 17.78 -15.65 -18.07
C SER D 22 18.41 -17.01 -18.39
N THR D 23 19.46 -17.38 -17.68
CA THR D 23 20.08 -18.69 -17.87
C THR D 23 19.53 -19.74 -16.91
N SER D 24 18.67 -19.37 -15.98
CA SER D 24 18.06 -20.32 -15.06
C SER D 24 16.90 -19.66 -14.34
N GLY D 25 16.15 -20.48 -13.61
CA GLY D 25 15.10 -19.98 -12.74
C GLY D 25 14.08 -19.13 -13.46
N ILE D 26 13.68 -18.03 -12.77
CA ILE D 26 12.60 -17.18 -13.24
C ILE D 26 12.94 -16.59 -14.60
N GLY D 27 14.18 -16.13 -14.78
CA GLY D 27 14.53 -15.49 -16.04
C GLY D 27 14.35 -16.43 -17.22
N LEU D 28 14.79 -17.68 -17.07
CA LEU D 28 14.62 -18.66 -18.14
C LEU D 28 13.15 -18.95 -18.36
N GLY D 29 12.36 -19.03 -17.28
CA GLY D 29 10.93 -19.25 -17.44
C GLY D 29 10.26 -18.13 -18.22
N ILE D 30 10.65 -16.89 -17.94
CA ILE D 30 10.12 -15.73 -18.65
C ILE D 30 10.52 -15.80 -20.11
N ALA D 31 11.77 -16.07 -20.38
CA ALA D 31 12.20 -16.14 -21.77
C ALA D 31 11.45 -17.23 -22.53
N MET D 32 11.27 -18.39 -21.90
CA MET D 32 10.50 -19.47 -22.51
C MET D 32 9.09 -19.00 -22.84
N ARG D 33 8.41 -18.36 -21.89
CA ARG D 33 7.03 -17.96 -22.16
C ARG D 33 6.95 -16.88 -23.23
N LEU D 34 7.92 -15.94 -23.24
CA LEU D 34 7.91 -14.92 -24.27
C LEU D 34 8.12 -15.55 -25.65
N ALA D 35 9.02 -16.54 -25.74
CA ALA D 35 9.22 -17.22 -27.01
C ALA D 35 7.97 -17.97 -27.43
N MET D 36 7.29 -18.64 -26.49
CA MET D 36 6.07 -19.35 -26.83
C MET D 36 5.02 -18.40 -27.38
N ALA D 37 5.01 -17.15 -26.92
CA ALA D 37 4.10 -16.12 -27.39
C ALA D 37 4.58 -15.46 -28.67
N GLY D 38 5.70 -15.91 -29.22
CA GLY D 38 6.18 -15.48 -30.52
C GLY D 38 7.32 -14.49 -30.54
N ALA D 39 7.87 -14.12 -29.39
CA ALA D 39 8.93 -13.12 -29.34
C ALA D 39 10.27 -13.76 -29.68
N ASP D 40 11.10 -13.03 -30.42
CA ASP D 40 12.53 -13.32 -30.46
C ASP D 40 13.14 -12.90 -29.13
N VAL D 41 14.14 -13.66 -28.66
CA VAL D 41 14.64 -13.47 -27.30
C VAL D 41 16.16 -13.52 -27.24
N VAL D 42 16.72 -12.59 -26.48
CA VAL D 42 18.14 -12.59 -26.13
C VAL D 42 18.23 -13.02 -24.68
N LEU D 43 18.96 -14.12 -24.44
CA LEU D 43 19.25 -14.63 -23.12
C LEU D 43 20.55 -14.03 -22.62
N ASN D 44 20.69 -13.96 -21.31
CA ASN D 44 21.85 -13.32 -20.72
C ASN D 44 22.22 -13.98 -19.39
N GLY D 45 23.53 -14.17 -19.19
CA GLY D 45 24.03 -14.58 -17.90
C GLY D 45 25.31 -13.82 -17.60
N ARG D 46 25.70 -13.83 -16.32
CA ARG D 46 26.87 -13.06 -15.92
C ARG D 46 28.11 -13.51 -16.68
N ARG D 47 28.32 -14.82 -16.77
CA ARG D 47 29.48 -15.39 -17.43
C ARG D 47 29.03 -16.58 -18.25
N GLN D 48 29.80 -16.91 -19.29
CA GLN D 48 29.44 -18.01 -20.16
C GLN D 48 29.49 -19.33 -19.40
N SER D 49 28.47 -20.15 -19.59
CA SER D 49 28.25 -21.39 -18.87
C SER D 49 28.31 -22.58 -19.83
N PRO D 50 28.72 -23.76 -19.34
CA PRO D 50 28.69 -24.95 -20.21
C PRO D 50 27.29 -25.42 -20.56
N GLU D 51 26.24 -24.86 -19.93
CA GLU D 51 24.87 -25.19 -20.24
C GLU D 51 24.22 -24.22 -21.21
N ASP D 52 24.97 -23.26 -21.76
CA ASP D 52 24.36 -22.20 -22.55
C ASP D 52 23.74 -22.73 -23.83
N SER D 53 24.42 -23.65 -24.52
CA SER D 53 23.88 -24.16 -25.78
C SER D 53 22.55 -24.87 -25.57
N ALA D 54 22.46 -25.67 -24.51
CA ALA D 54 21.21 -26.37 -24.22
C ALA D 54 20.09 -25.39 -23.91
N ILE D 55 20.39 -24.32 -23.15
CA ILE D 55 19.37 -23.33 -22.80
C ILE D 55 18.86 -22.62 -24.05
N VAL D 56 19.78 -22.20 -24.92
CA VAL D 56 19.37 -21.53 -26.15
C VAL D 56 18.50 -22.46 -26.99
N GLU D 57 18.87 -23.74 -27.08
CA GLU D 57 18.06 -24.65 -27.89
C GLU D 57 16.68 -24.89 -27.26
N LYS D 58 16.63 -24.97 -25.92
CA LYS D 58 15.36 -25.10 -25.22
C LYS D 58 14.42 -23.94 -25.58
N VAL D 59 14.96 -22.71 -25.54
CA VAL D 59 14.12 -21.56 -25.85
C VAL D 59 13.78 -21.53 -27.33
N ALA D 60 14.73 -21.90 -28.20
CA ALA D 60 14.49 -21.88 -29.63
C ALA D 60 13.52 -22.95 -30.10
N ALA D 61 13.18 -23.91 -29.24
CA ALA D 61 12.22 -24.94 -29.63
C ALA D 61 10.90 -24.34 -30.12
N TYR D 62 10.59 -23.09 -29.75
CA TYR D 62 9.31 -22.50 -30.11
C TYR D 62 9.35 -21.73 -31.43
N GLY D 63 10.45 -21.81 -32.17
CA GLY D 63 10.48 -21.36 -33.54
C GLY D 63 10.80 -19.91 -33.76
N THR D 64 11.21 -19.18 -32.73
CA THR D 64 11.62 -17.79 -32.88
C THR D 64 13.15 -17.71 -32.89
N ARG D 65 13.67 -16.50 -33.11
CA ARG D 65 15.10 -16.29 -33.09
C ARG D 65 15.57 -16.08 -31.65
N VAL D 66 16.55 -16.88 -31.24
CA VAL D 66 17.05 -16.87 -29.87
C VAL D 66 18.56 -16.68 -29.92
N ARG D 67 19.06 -15.77 -29.09
CA ARG D 67 20.49 -15.51 -29.02
C ARG D 67 20.91 -15.55 -27.55
N TYR D 68 22.24 -15.59 -27.33
CA TYR D 68 22.80 -15.50 -25.98
C TYR D 68 23.92 -14.47 -25.97
N PHE D 69 23.96 -13.66 -24.92
CA PHE D 69 25.04 -12.70 -24.75
C PHE D 69 25.42 -12.64 -23.28
N ALA D 70 26.66 -13.00 -22.96
CA ALA D 70 27.15 -12.90 -21.59
C ALA D 70 27.50 -11.46 -21.27
N ALA D 71 27.04 -10.99 -20.11
CA ALA D 71 27.29 -9.60 -19.70
C ALA D 71 27.02 -9.46 -18.23
N ASN D 72 27.94 -8.79 -17.53
CA ASN D 72 27.78 -8.46 -16.12
C ASN D 72 26.92 -7.19 -16.02
N MET D 73 25.68 -7.35 -15.56
CA MET D 73 24.75 -6.24 -15.50
C MET D 73 25.17 -5.15 -14.53
N LYS D 74 26.15 -5.43 -13.64
CA LYS D 74 26.67 -4.39 -12.76
C LYS D 74 27.59 -3.42 -13.49
N ASP D 75 27.99 -3.74 -14.72
CA ASP D 75 28.92 -2.94 -15.52
C ASP D 75 28.13 -2.25 -16.62
N ARG D 76 28.04 -0.93 -16.56
CA ARG D 76 27.19 -0.20 -17.50
C ARG D 76 27.65 -0.41 -18.94
N ALA D 77 28.97 -0.50 -19.15
CA ALA D 77 29.49 -0.72 -20.50
C ALA D 77 29.04 -2.06 -21.05
N GLN D 78 28.94 -3.07 -20.18
CA GLN D 78 28.46 -4.38 -20.63
C GLN D 78 26.95 -4.39 -20.84
N VAL D 79 26.20 -3.60 -20.08
CA VAL D 79 24.77 -3.43 -20.38
C VAL D 79 24.61 -2.85 -21.78
N GLU D 80 25.39 -1.80 -22.07
CA GLU D 80 25.35 -1.21 -23.40
C GLU D 80 25.75 -2.21 -24.46
N ALA D 81 26.78 -3.03 -24.18
CA ALA D 81 27.19 -4.06 -25.13
C ALA D 81 26.06 -5.05 -25.39
N LEU D 82 25.30 -5.44 -24.35
CA LEU D 82 24.18 -6.35 -24.55
C LEU D 82 23.11 -5.73 -25.44
N ILE D 83 22.80 -4.45 -25.20
CA ILE D 83 21.79 -3.79 -26.04
C ILE D 83 22.27 -3.70 -27.48
N LYS D 84 23.54 -3.35 -27.69
CA LYS D 84 24.08 -3.23 -29.05
C LYS D 84 24.12 -4.59 -29.75
N PHE D 85 24.46 -5.65 -29.01
CA PHE D 85 24.42 -7.00 -29.57
C PHE D 85 23.03 -7.36 -30.04
N THR D 86 22.02 -7.05 -29.22
CA THR D 86 20.65 -7.33 -29.63
C THR D 86 20.27 -6.54 -30.87
N GLU D 87 20.63 -5.25 -30.91
CA GLU D 87 20.30 -4.42 -32.05
C GLU D 87 20.97 -4.95 -33.33
N LYS D 88 22.18 -5.47 -33.19
CA LYS D 88 22.88 -6.00 -34.37
C LYS D 88 22.28 -7.33 -34.83
N GLU D 89 22.00 -8.23 -33.89
CA GLU D 89 21.58 -9.58 -34.26
C GLU D 89 20.11 -9.65 -34.62
N LEU D 90 19.25 -9.05 -33.81
CA LEU D 90 17.80 -9.18 -33.98
C LEU D 90 17.10 -7.89 -34.35
N GLY D 91 17.54 -6.75 -33.82
CA GLY D 91 16.94 -5.47 -34.07
C GLY D 91 16.68 -4.73 -32.78
N ALA D 92 15.92 -3.64 -32.89
CA ALA D 92 15.68 -2.79 -31.73
C ALA D 92 15.02 -3.57 -30.58
N VAL D 93 15.46 -3.27 -29.36
CA VAL D 93 14.86 -3.89 -28.18
C VAL D 93 13.47 -3.30 -28.00
N GLU D 94 12.45 -4.15 -28.05
CA GLU D 94 11.06 -3.74 -27.84
C GLU D 94 10.53 -4.14 -26.47
N ILE D 95 10.98 -5.28 -25.95
CA ILE D 95 10.58 -5.74 -24.63
C ILE D 95 11.88 -5.90 -23.83
N LEU D 96 11.97 -5.20 -22.71
CA LEU D 96 13.11 -5.30 -21.81
C LEU D 96 12.61 -5.88 -20.49
N VAL D 97 13.15 -7.01 -20.08
CA VAL D 97 12.80 -7.63 -18.81
C VAL D 97 14.05 -7.56 -17.94
N ASN D 98 13.97 -6.77 -16.86
CA ASN D 98 15.08 -6.61 -15.93
C ASN D 98 14.86 -7.64 -14.83
N ASN D 99 15.66 -8.73 -14.85
CA ASN D 99 15.37 -9.85 -13.96
C ASN D 99 16.55 -10.24 -13.11
N ALA D 100 17.76 -10.12 -13.64
CA ALA D 100 18.96 -10.48 -12.91
C ALA D 100 18.98 -9.87 -11.53
N GLY D 101 19.18 -10.69 -10.52
CA GLY D 101 19.20 -10.20 -9.16
C GLY D 101 19.77 -11.24 -8.24
N ILE D 102 20.27 -10.76 -7.10
CA ILE D 102 20.92 -11.63 -6.14
C ILE D 102 20.34 -11.39 -4.76
N GLN D 103 20.62 -12.32 -3.86
CA GLN D 103 20.14 -12.31 -2.48
C GLN D 103 21.31 -12.52 -1.53
N HIS D 104 21.20 -11.92 -0.36
CA HIS D 104 22.13 -12.25 0.73
C HIS D 104 21.36 -12.08 2.03
N VAL D 105 21.30 -13.15 2.82
CA VAL D 105 20.52 -13.20 4.04
C VAL D 105 21.45 -12.95 5.22
N SER D 106 21.14 -11.89 5.97
CA SER D 106 21.96 -11.48 7.12
C SER D 106 21.19 -10.48 7.97
N PRO D 107 21.33 -10.53 9.29
CA PRO D 107 20.83 -9.43 10.12
C PRO D 107 21.52 -8.12 9.75
N VAL D 108 20.83 -7.02 10.06
CA VAL D 108 21.31 -5.71 9.66
C VAL D 108 22.70 -5.44 10.24
N GLU D 109 22.92 -5.78 11.52
CA GLU D 109 24.13 -5.34 12.21
C GLU D 109 25.39 -5.88 11.56
N THR D 110 25.32 -7.08 10.98
CA THR D 110 26.49 -7.74 10.39
C THR D 110 26.40 -7.84 8.88
N PHE D 111 25.46 -7.15 8.26
CA PHE D 111 25.29 -7.22 6.80
C PHE D 111 26.56 -6.68 6.15
N PRO D 112 27.25 -7.45 5.32
CA PRO D 112 28.50 -6.94 4.73
C PRO D 112 28.23 -5.76 3.80
N SER D 113 29.10 -4.74 3.91
CA SER D 113 28.93 -3.54 3.11
CA SER D 113 28.93 -3.54 3.11
C SER D 113 28.98 -3.86 1.62
N ASP D 114 29.93 -4.70 1.21
CA ASP D 114 30.05 -5.05 -0.20
C ASP D 114 28.80 -5.75 -0.70
N LYS D 115 28.21 -6.63 0.11
CA LYS D 115 27.01 -7.31 -0.31
C LYS D 115 25.83 -6.34 -0.45
N TRP D 116 25.69 -5.39 0.50
CA TRP D 116 24.69 -4.34 0.35
C TRP D 116 24.87 -3.63 -0.99
N ASP D 117 26.10 -3.19 -1.27
CA ASP D 117 26.36 -2.44 -2.49
C ASP D 117 26.05 -3.27 -3.73
N GLU D 118 26.40 -4.55 -3.72
CA GLU D 118 26.17 -5.40 -4.88
C GLU D 118 24.69 -5.60 -5.10
N ILE D 119 23.91 -5.77 -4.02
CA ILE D 119 22.47 -5.97 -4.17
C ILE D 119 21.83 -4.71 -4.74
N ILE D 120 22.23 -3.54 -4.23
CA ILE D 120 21.68 -2.30 -4.79
C ILE D 120 22.06 -2.18 -6.26
N ALA D 121 23.31 -2.50 -6.59
CA ALA D 121 23.80 -2.31 -7.96
C ALA D 121 23.08 -3.21 -8.94
N LEU D 122 22.91 -4.49 -8.60
CA LEU D 122 22.29 -5.42 -9.55
C LEU D 122 20.77 -5.35 -9.53
N ASN D 123 20.15 -5.28 -8.34
CA ASN D 123 18.70 -5.37 -8.24
C ASN D 123 17.99 -4.06 -8.55
N LEU D 124 18.69 -2.92 -8.46
CA LEU D 124 18.07 -1.62 -8.77
C LEU D 124 18.81 -0.83 -9.85
N THR D 125 20.09 -0.57 -9.68
CA THR D 125 20.76 0.36 -10.59
C THR D 125 20.95 -0.21 -12.00
N SER D 126 21.14 -1.53 -12.13
CA SER D 126 21.27 -2.11 -13.46
C SER D 126 20.00 -1.91 -14.26
N ALA D 127 18.84 -2.00 -13.60
CA ALA D 127 17.57 -1.81 -14.30
C ALA D 127 17.47 -0.38 -14.81
N PHE D 128 17.95 0.58 -14.01
CA PHE D 128 18.01 1.97 -14.45
C PHE D 128 18.88 2.11 -15.68
N HIS D 129 20.09 1.52 -15.67
CA HIS D 129 20.97 1.66 -16.82
C HIS D 129 20.36 1.05 -18.08
N ALA D 130 19.79 -0.16 -17.95
CA ALA D 130 19.22 -0.81 -19.13
C ALA D 130 18.03 -0.03 -19.66
N THR D 131 17.19 0.47 -18.76
CA THR D 131 16.02 1.24 -19.17
C THR D 131 16.44 2.52 -19.86
N GLN D 132 17.43 3.20 -19.29
CA GLN D 132 17.97 4.41 -19.92
C GLN D 132 18.45 4.14 -21.33
N LEU D 133 19.13 3.01 -21.54
CA LEU D 133 19.67 2.73 -22.85
C LEU D 133 18.60 2.35 -23.86
N CYS D 134 17.50 1.74 -23.40
CA CYS D 134 16.47 1.23 -24.33
C CYS D 134 15.38 2.25 -24.63
N LEU D 135 15.15 3.23 -23.75
CA LEU D 135 14.00 4.12 -23.95
C LEU D 135 14.09 4.94 -25.23
N PRO D 136 15.25 5.46 -25.66
CA PRO D 136 15.27 6.31 -26.88
C PRO D 136 14.69 5.61 -28.11
N SER D 137 15.09 4.36 -28.35
CA SER D 137 14.56 3.62 -29.49
C SER D 137 13.06 3.36 -29.32
N MET D 138 12.63 3.05 -28.09
CA MET D 138 11.21 2.80 -27.86
C MET D 138 10.39 4.05 -28.15
N ARG D 139 10.86 5.21 -27.71
CA ARG D 139 10.16 6.45 -28.00
C ARG D 139 10.12 6.73 -29.50
N GLN D 140 11.22 6.48 -30.19
CA GLN D 140 11.25 6.71 -31.64
C GLN D 140 10.24 5.80 -32.34
N ARG D 141 10.14 4.55 -31.92
CA ARG D 141 9.20 3.61 -32.54
C ARG D 141 7.77 3.77 -32.04
N GLY D 142 7.57 4.44 -30.90
CA GLY D 142 6.25 4.59 -30.32
C GLY D 142 5.69 3.37 -29.65
N TRP D 143 6.53 2.44 -29.23
CA TRP D 143 6.07 1.22 -28.57
C TRP D 143 7.18 0.70 -27.69
N GLY D 144 6.82 0.16 -26.54
CA GLY D 144 7.80 -0.50 -25.72
C GLY D 144 7.17 -1.12 -24.49
N ARG D 145 7.88 -2.10 -23.96
CA ARG D 145 7.54 -2.71 -22.68
C ARG D 145 8.81 -2.79 -21.85
N ILE D 146 8.78 -2.23 -20.66
CA ILE D 146 9.81 -2.44 -19.64
C ILE D 146 9.13 -3.20 -18.49
N ILE D 147 9.61 -4.41 -18.21
CA ILE D 147 9.03 -5.29 -17.21
C ILE D 147 10.12 -5.56 -16.18
N ASN D 148 9.90 -5.07 -14.96
CA ASN D 148 10.90 -5.19 -13.88
C ASN D 148 10.47 -6.32 -12.97
N ILE D 149 11.36 -7.30 -12.76
CA ILE D 149 11.08 -8.40 -11.84
C ILE D 149 11.50 -7.94 -10.44
N ALA D 150 10.52 -7.52 -9.66
CA ALA D 150 10.61 -7.08 -8.28
C ALA D 150 10.36 -8.32 -7.43
N SER D 151 9.61 -8.19 -6.34
CA SER D 151 9.41 -9.23 -5.35
C SER D 151 8.29 -8.74 -4.45
N VAL D 152 7.62 -9.68 -3.76
CA VAL D 152 6.87 -9.30 -2.55
C VAL D 152 7.72 -8.44 -1.63
N GLN D 153 9.03 -8.67 -1.59
CA GLN D 153 9.97 -7.93 -0.74
C GLN D 153 10.11 -6.48 -1.18
N GLY D 154 9.55 -6.10 -2.34
CA GLY D 154 9.42 -4.72 -2.75
C GLY D 154 8.21 -4.02 -2.21
N LEU D 155 7.30 -4.79 -1.56
CA LEU D 155 6.06 -4.25 -1.01
C LEU D 155 5.95 -4.38 0.50
N VAL D 156 6.64 -5.36 1.08
CA VAL D 156 6.69 -5.60 2.53
C VAL D 156 8.13 -5.94 2.89
N GLY D 157 8.42 -5.93 4.18
CA GLY D 157 9.73 -6.32 4.66
C GLY D 157 9.73 -7.75 5.19
N SER D 158 10.94 -8.34 5.21
CA SER D 158 11.21 -9.61 5.86
C SER D 158 12.52 -9.54 6.60
N MET D 159 12.59 -10.18 7.76
CA MET D 159 13.82 -10.19 8.55
C MET D 159 14.99 -10.73 7.73
N ASN D 160 16.16 -10.10 7.96
CA ASN D 160 17.46 -10.51 7.44
C ASN D 160 17.58 -10.29 5.95
N LYS D 161 16.70 -9.48 5.36
CA LYS D 161 16.79 -9.17 3.94
C LYS D 161 16.76 -7.66 3.72
N SER D 162 17.50 -6.92 4.54
CA SER D 162 17.43 -5.45 4.45
C SER D 162 17.83 -4.94 3.08
N ALA D 163 18.98 -5.37 2.56
CA ALA D 163 19.44 -4.86 1.28
C ALA D 163 18.46 -5.21 0.17
N TYR D 164 18.00 -6.47 0.16
CA TYR D 164 17.12 -6.93 -0.90
C TYR D 164 15.78 -6.22 -0.87
N CYS D 165 15.19 -6.08 0.32
CA CYS D 165 13.94 -5.37 0.45
C CYS D 165 14.11 -3.91 0.04
N ALA D 166 15.23 -3.29 0.42
CA ALA D 166 15.45 -1.91 -0.01
C ALA D 166 15.55 -1.82 -1.51
N ALA D 167 16.33 -2.71 -2.14
CA ALA D 167 16.53 -2.65 -3.59
C ALA D 167 15.24 -2.92 -4.34
N LYS D 168 14.44 -3.90 -3.89
CA LYS D 168 13.18 -4.22 -4.57
C LYS D 168 12.14 -3.13 -4.39
N HIS D 169 12.03 -2.55 -3.17
CA HIS D 169 11.19 -1.37 -2.98
C HIS D 169 11.63 -0.25 -3.95
N GLY D 170 12.95 -0.03 -4.08
CA GLY D 170 13.44 1.02 -4.97
C GLY D 170 13.12 0.74 -6.43
N LEU D 171 13.17 -0.53 -6.83
CA LEU D 171 12.82 -0.90 -8.21
C LEU D 171 11.35 -0.64 -8.50
N ILE D 172 10.48 -0.85 -7.52
CA ILE D 172 9.06 -0.50 -7.72
C ILE D 172 8.90 1.01 -7.83
N GLY D 173 9.59 1.78 -6.99
CA GLY D 173 9.55 3.24 -7.15
C GLY D 173 10.00 3.69 -8.53
N PHE D 174 11.11 3.13 -8.99
CA PHE D 174 11.61 3.45 -10.32
C PHE D 174 10.58 3.14 -11.39
N THR D 175 9.94 1.97 -11.28
CA THR D 175 8.91 1.57 -12.23
C THR D 175 7.84 2.63 -12.36
N LYS D 176 7.37 3.13 -11.22
CA LYS D 176 6.34 4.16 -11.23
C LYS D 176 6.79 5.39 -12.01
N VAL D 177 8.00 5.85 -11.75
CA VAL D 177 8.48 7.07 -12.42
C VAL D 177 8.61 6.86 -13.92
N VAL D 178 9.22 5.74 -14.33
CA VAL D 178 9.33 5.47 -15.78
C VAL D 178 7.96 5.45 -16.42
N ALA D 179 6.99 4.79 -15.76
CA ALA D 179 5.63 4.74 -16.30
C ALA D 179 5.03 6.13 -16.44
N LEU D 180 5.24 6.99 -15.43
CA LEU D 180 4.66 8.33 -15.50
C LEU D 180 5.31 9.17 -16.60
N GLU D 181 6.63 9.01 -16.79
CA GLU D 181 7.30 9.76 -17.83
C GLU D 181 6.95 9.30 -19.24
N THR D 182 6.37 8.10 -19.37
CA THR D 182 5.98 7.56 -20.67
C THR D 182 4.48 7.41 -20.84
N ALA D 183 3.69 7.97 -19.92
CA ALA D 183 2.28 7.60 -19.83
C ALA D 183 1.46 7.95 -21.06
N THR D 184 1.87 8.95 -21.83
CA THR D 184 1.12 9.34 -23.04
C THR D 184 1.68 8.70 -24.31
N THR D 185 2.59 7.75 -24.17
CA THR D 185 3.19 7.03 -25.28
C THR D 185 2.70 5.57 -25.31
N GLY D 186 3.16 4.82 -26.32
CA GLY D 186 2.92 3.40 -26.39
C GLY D 186 3.91 2.56 -25.62
N ILE D 187 4.68 3.20 -24.75
CA ILE D 187 5.60 2.52 -23.85
C ILE D 187 4.95 2.40 -22.49
N THR D 188 4.95 1.19 -21.93
CA THR D 188 4.53 1.01 -20.55
C THR D 188 5.70 0.46 -19.73
N CYS D 189 5.67 0.73 -18.42
CA CYS D 189 6.63 0.15 -17.49
C CYS D 189 5.86 -0.36 -16.28
N ASN D 190 6.15 -1.60 -15.88
CA ASN D 190 5.44 -2.22 -14.77
C ASN D 190 6.37 -3.23 -14.12
N ALA D 191 5.98 -3.69 -12.92
CA ALA D 191 6.78 -4.62 -12.17
C ALA D 191 5.95 -5.88 -11.88
N ILE D 192 6.62 -7.02 -11.89
CA ILE D 192 6.04 -8.30 -11.44
C ILE D 192 6.66 -8.59 -10.07
N CYS D 193 5.81 -8.97 -9.11
CA CYS D 193 6.26 -9.20 -7.73
C CYS D 193 5.96 -10.63 -7.33
N PRO D 194 6.87 -11.55 -7.59
CA PRO D 194 6.67 -12.95 -7.15
C PRO D 194 6.86 -13.11 -5.65
N GLY D 195 6.11 -14.07 -5.10
CA GLY D 195 6.43 -14.65 -3.82
C GLY D 195 7.49 -15.70 -4.01
N TYR D 196 7.51 -16.72 -3.12
CA TYR D 196 8.54 -17.75 -3.21
C TYR D 196 8.34 -18.63 -4.45
N VAL D 197 9.41 -18.79 -5.22
CA VAL D 197 9.53 -19.67 -6.38
C VAL D 197 10.70 -20.61 -6.10
N TYR D 198 10.55 -21.89 -6.43
CA TYR D 198 11.61 -22.85 -6.07
C TYR D 198 12.75 -22.75 -7.08
N THR D 199 13.61 -21.77 -6.89
CA THR D 199 14.82 -21.59 -7.66
C THR D 199 16.04 -21.89 -6.80
N PRO D 200 17.24 -21.91 -7.39
CA PRO D 200 18.45 -22.02 -6.55
C PRO D 200 18.58 -20.90 -5.54
N LEU D 201 18.16 -19.69 -5.92
CA LEU D 201 18.18 -18.55 -4.99
C LEU D 201 17.42 -18.88 -3.72
N VAL D 202 16.32 -19.64 -3.84
CA VAL D 202 15.52 -20.03 -2.68
C VAL D 202 15.97 -21.37 -2.10
N GLU D 203 16.40 -22.31 -2.94
CA GLU D 203 16.83 -23.60 -2.45
C GLU D 203 18.00 -23.45 -1.48
N GLU D 204 18.89 -22.50 -1.75
CA GLU D 204 20.01 -22.25 -0.82
C GLU D 204 19.50 -21.76 0.54
N GLN D 205 18.52 -20.85 0.55
CA GLN D 205 17.96 -20.41 1.82
C GLN D 205 17.32 -21.56 2.58
N ILE D 206 16.62 -22.43 1.86
CA ILE D 206 16.00 -23.59 2.49
C ILE D 206 17.08 -24.51 3.06
N LYS D 207 18.20 -24.69 2.34
CA LYS D 207 19.29 -25.50 2.86
C LYS D 207 19.80 -24.93 4.18
N ALA D 208 19.98 -23.61 4.23
CA ALA D 208 20.47 -22.99 5.45
C ALA D 208 19.53 -23.26 6.62
N VAL D 209 18.22 -23.05 6.40
CA VAL D 209 17.28 -23.29 7.50
C VAL D 209 17.24 -24.76 7.87
N ALA D 210 17.35 -25.65 6.88
CA ALA D 210 17.27 -27.07 7.16
C ALA D 210 18.43 -27.51 8.05
N GLU D 211 19.63 -27.05 7.72
CA GLU D 211 20.78 -27.39 8.55
C GLU D 211 20.65 -26.78 9.94
N ALA D 212 20.18 -25.54 10.03
CA ALA D 212 20.16 -24.86 11.32
C ALA D 212 19.07 -25.37 12.25
N LYS D 213 17.92 -25.78 11.71
CA LYS D 213 16.73 -26.02 12.54
C LYS D 213 16.15 -27.42 12.45
N TYR D 214 16.31 -28.12 11.33
CA TYR D 214 15.52 -29.33 11.09
C TYR D 214 16.38 -30.55 10.79
N GLY D 215 17.64 -30.54 11.24
CA GLY D 215 18.50 -31.71 11.05
C GLY D 215 18.75 -32.05 9.61
N GLY D 216 18.72 -31.06 8.72
CA GLY D 216 18.96 -31.28 7.31
C GLY D 216 17.79 -31.84 6.52
N ASP D 217 16.61 -31.98 7.14
CA ASP D 217 15.46 -32.57 6.46
C ASP D 217 14.83 -31.52 5.54
N MET D 218 14.92 -31.75 4.24
CA MET D 218 14.48 -30.72 3.28
C MET D 218 12.96 -30.66 3.15
N GLU D 219 12.25 -31.77 3.33
CA GLU D 219 10.78 -31.74 3.26
C GLU D 219 10.22 -30.86 4.36
N ALA D 220 10.62 -31.14 5.61
CA ALA D 220 10.12 -30.37 6.74
C ALA D 220 10.54 -28.92 6.63
N ALA D 221 11.81 -28.68 6.27
CA ALA D 221 12.32 -27.30 6.18
C ALA D 221 11.64 -26.53 5.06
N THR D 222 11.40 -27.18 3.92
CA THR D 222 10.71 -26.52 2.81
C THR D 222 9.33 -26.07 3.22
N GLN D 223 8.59 -26.94 3.92
CA GLN D 223 7.25 -26.56 4.37
C GLN D 223 7.31 -25.43 5.39
N ALA D 224 8.25 -25.48 6.33
CA ALA D 224 8.34 -24.43 7.33
C ALA D 224 8.70 -23.11 6.66
N PHE D 225 9.65 -23.15 5.73
CA PHE D 225 10.07 -21.96 5.00
C PHE D 225 8.90 -21.34 4.22
N LEU D 226 8.17 -22.20 3.51
CA LEU D 226 7.09 -21.72 2.66
C LEU D 226 5.94 -21.18 3.49
N CYS D 227 5.53 -21.92 4.51
CA CYS D 227 4.34 -21.57 5.25
C CYS D 227 4.53 -20.38 6.19
N GLU D 228 5.79 -20.01 6.49
CA GLU D 228 6.02 -18.77 7.22
C GLU D 228 5.39 -17.59 6.50
N LYS D 229 5.46 -17.56 5.16
CA LYS D 229 5.17 -16.36 4.41
C LYS D 229 4.04 -16.51 3.40
N GLN D 230 3.80 -17.71 2.90
CA GLN D 230 3.00 -17.89 1.69
C GLN D 230 1.74 -18.67 2.03
N PRO D 231 0.59 -17.97 2.12
CA PRO D 231 -0.66 -18.64 2.56
C PRO D 231 -1.06 -19.85 1.72
N ALA D 232 -0.69 -19.85 0.43
CA ALA D 232 -1.07 -20.98 -0.42
C ALA D 232 -0.36 -22.26 -0.05
N LYS D 233 0.72 -22.16 0.74
CA LYS D 233 1.48 -23.36 1.15
C LYS D 233 1.99 -24.13 -0.06
N ALA D 234 2.26 -23.38 -1.13
CA ALA D 234 2.75 -23.90 -2.38
C ALA D 234 3.63 -22.83 -3.02
N PHE D 235 4.57 -23.27 -3.84
CA PHE D 235 5.42 -22.34 -4.56
C PHE D 235 4.71 -21.77 -5.78
N VAL D 236 5.03 -20.51 -6.07
CA VAL D 236 4.79 -19.95 -7.40
C VAL D 236 5.78 -20.58 -8.37
N THR D 237 5.38 -20.74 -9.64
CA THR D 237 6.22 -21.37 -10.65
C THR D 237 6.82 -20.34 -11.60
N VAL D 238 7.96 -20.71 -12.21
CA VAL D 238 8.59 -19.84 -13.20
C VAL D 238 7.67 -19.67 -14.40
N GLU D 239 6.87 -20.70 -14.70
CA GLU D 239 5.89 -20.59 -15.78
C GLU D 239 4.86 -19.52 -15.49
N GLN D 240 4.40 -19.43 -14.25
CA GLN D 240 3.42 -18.39 -13.92
C GLN D 240 4.01 -16.99 -14.01
N VAL D 241 5.26 -16.81 -13.55
CA VAL D 241 5.88 -15.50 -13.70
C VAL D 241 6.01 -15.14 -15.17
N GLY D 242 6.40 -16.10 -15.99
CA GLY D 242 6.46 -15.86 -17.43
C GLY D 242 5.11 -15.50 -18.03
N ASP D 243 4.05 -16.17 -17.59
CA ASP D 243 2.70 -15.82 -18.05
C ASP D 243 2.35 -14.38 -17.69
N ALA D 244 2.75 -13.91 -16.48
CA ALA D 244 2.52 -12.53 -16.12
C ALA D 244 3.27 -11.60 -17.06
N ALA D 245 4.50 -11.96 -17.42
CA ALA D 245 5.28 -11.13 -18.34
C ALA D 245 4.63 -11.05 -19.72
N VAL D 246 4.12 -12.19 -20.22
CA VAL D 246 3.41 -12.19 -21.51
C VAL D 246 2.18 -11.31 -21.41
N PHE D 247 1.43 -11.41 -20.31
CA PHE D 247 0.26 -10.54 -20.15
C PHE D 247 0.64 -9.07 -20.24
N LEU D 248 1.67 -8.67 -19.50
CA LEU D 248 2.06 -7.26 -19.51
C LEU D 248 2.54 -6.82 -20.89
N ALA D 249 3.11 -7.73 -21.68
CA ALA D 249 3.59 -7.34 -22.99
C ALA D 249 2.51 -7.31 -24.08
N SER D 250 1.32 -7.81 -23.78
CA SER D 250 0.25 -7.97 -24.77
CA SER D 250 0.25 -7.97 -24.75
C SER D 250 -0.56 -6.68 -24.90
N PRO D 251 -1.37 -6.58 -25.98
CA PRO D 251 -2.17 -5.35 -26.16
C PRO D 251 -3.18 -5.11 -25.04
N GLY D 252 -3.68 -6.16 -24.40
CA GLY D 252 -4.61 -5.97 -23.30
C GLY D 252 -4.05 -5.15 -22.17
N ALA D 253 -2.74 -5.01 -22.10
CA ALA D 253 -2.03 -4.28 -21.06
C ALA D 253 -1.53 -2.92 -21.52
N ASP D 254 -2.08 -2.41 -22.62
CA ASP D 254 -1.63 -1.13 -23.16
C ASP D 254 -1.81 0.01 -22.15
N MET D 255 -2.80 -0.09 -21.27
CA MET D 255 -3.08 0.95 -20.30
C MET D 255 -2.75 0.53 -18.86
N ILE D 256 -1.96 -0.54 -18.71
CA ILE D 256 -1.45 -0.94 -17.41
C ILE D 256 -0.10 -0.25 -17.31
N ARG D 257 0.02 0.71 -16.38
CA ARG D 257 1.20 1.56 -16.32
C ARG D 257 1.57 1.86 -14.88
N GLY D 258 2.82 1.60 -14.54
CA GLY D 258 3.35 1.94 -13.24
C GLY D 258 2.86 1.10 -12.11
N THR D 259 2.41 -0.13 -12.39
CA THR D 259 1.79 -0.93 -11.36
C THR D 259 2.58 -2.21 -11.09
N THR D 260 2.09 -2.98 -10.13
CA THR D 260 2.66 -4.25 -9.73
C THR D 260 1.65 -5.36 -10.02
N ILE D 261 2.14 -6.42 -10.66
CA ILE D 261 1.42 -7.68 -10.80
C ILE D 261 2.02 -8.63 -9.78
N THR D 262 1.31 -8.87 -8.69
CA THR D 262 1.83 -9.66 -7.57
C THR D 262 1.36 -11.09 -7.71
N VAL D 263 2.32 -12.02 -7.74
CA VAL D 263 2.06 -13.43 -7.99
C VAL D 263 2.71 -14.16 -6.81
N ASP D 264 1.95 -14.32 -5.71
CA ASP D 264 2.60 -14.58 -4.42
C ASP D 264 1.80 -15.51 -3.52
N GLY D 265 0.77 -16.20 -4.01
CA GLY D 265 0.07 -17.13 -3.18
C GLY D 265 -0.58 -16.51 -1.96
N GLY D 266 -0.87 -15.20 -1.99
CA GLY D 266 -1.53 -14.50 -0.90
C GLY D 266 -0.61 -13.79 0.08
N TRP D 267 0.70 -13.80 -0.14
CA TRP D 267 1.65 -13.23 0.83
C TRP D 267 1.29 -11.80 1.25
N VAL D 268 1.07 -10.91 0.27
CA VAL D 268 0.83 -9.50 0.58
C VAL D 268 -0.60 -9.22 0.97
N ALA D 269 -1.51 -10.17 0.71
CA ALA D 269 -2.90 -9.99 1.10
C ALA D 269 -3.11 -10.06 2.60
N GLN D 270 -2.20 -10.69 3.34
CA GLN D 270 -2.31 -10.73 4.79
C GLN D 270 -1.24 -9.86 5.45
C1 MLI E . 10.48 16.66 -2.24
C2 MLI E . 9.62 15.49 -1.79
C3 MLI E . 10.78 16.50 -3.75
O6 MLI E . 8.37 15.61 -1.89
O7 MLI E . 10.25 14.49 -1.35
O8 MLI E . 11.81 17.07 -4.17
O9 MLI E . 9.95 15.82 -4.38
H11 MLI E . 10.03 17.51 -2.09
H12 MLI E . 11.31 16.69 -1.75
PA NAI F . 17.90 20.89 2.71
O1A NAI F . 18.74 21.01 1.51
O2A NAI F . 17.27 22.13 3.33
O5B NAI F . 18.68 20.11 3.87
C5B NAI F . 19.61 19.06 3.55
C4B NAI F . 20.51 18.85 4.75
O4B NAI F . 21.34 17.72 4.42
C3B NAI F . 21.45 20.03 4.92
O3B NAI F . 21.81 20.08 6.30
C2B NAI F . 22.70 19.56 4.18
O2B NAI F . 23.83 20.12 4.84
C1B NAI F . 22.68 18.09 4.60
N9A NAI F . 23.51 17.26 3.72
C8A NAI F . 23.48 17.20 2.35
N7A NAI F . 24.36 16.37 1.84
C5A NAI F . 25.02 15.87 2.95
C6A NAI F . 26.08 14.94 3.10
N6A NAI F . 26.68 14.34 2.07
N1A NAI F . 26.52 14.67 4.36
C2A NAI F . 25.91 15.27 5.39
N3A NAI F . 24.91 16.15 5.38
C4A NAI F . 24.50 16.41 4.12
O3 NAI F . 16.76 19.82 2.42
PN NAI F . 15.46 19.30 3.14
O1N NAI F . 15.40 19.82 4.56
O2N NAI F . 14.21 19.61 2.26
O5D NAI F . 15.68 17.76 3.12
C5D NAI F . 15.83 17.01 4.35
C4D NAI F . 15.28 15.62 4.08
O4D NAI F . 13.87 15.75 3.89
C3D NAI F . 15.83 15.06 2.77
O3D NAI F . 16.00 13.65 3.01
C2D NAI F . 14.66 15.21 1.80
O2D NAI F . 14.67 14.07 0.96
C1D NAI F . 13.50 14.97 2.77
N1N NAI F . 12.22 15.45 2.27
C2N NAI F . 12.06 16.76 1.87
C3N NAI F . 10.86 17.19 1.38
C7N NAI F . 10.72 18.60 1.01
O7N NAI F . 9.69 18.99 0.41
N7N NAI F . 11.68 19.45 1.37
C4N NAI F . 9.65 16.32 1.41
C5N NAI F . 10.00 14.92 1.72
C6N NAI F . 11.18 14.57 2.19
H51A NAI F . 20.15 19.32 2.79
H52A NAI F . 19.12 18.25 3.35
H4B NAI F . 20.03 18.66 5.58
H3B NAI F . 21.07 20.85 4.54
HO3A NAI F . 21.51 20.81 6.61
H2B NAI F . 22.66 19.70 3.22
HO2A NAI F . 24.13 20.72 4.33
H1B NAI F . 22.95 17.96 5.52
H8A NAI F . 22.89 17.69 1.83
H61A NAI F . 27.05 14.80 1.46
H62A NAI F . 26.69 13.48 2.02
H2A NAI F . 26.23 15.05 6.23
H51N NAI F . 15.33 17.43 5.05
H52N NAI F . 16.77 16.96 4.60
H4D NAI F . 15.45 15.00 4.81
H3D NAI F . 16.60 15.54 2.44
HO3N NAI F . 16.79 13.53 3.31
H2D NAI F . 14.62 16.07 1.35
HO2N NAI F . 15.01 14.31 0.22
H1D NAI F . 13.41 14.03 2.99
H2N NAI F . 12.77 17.35 1.92
H71N NAI F . 11.63 20.28 1.15
H72N NAI F . 12.39 19.17 1.78
H4N NAI F . 9.23 16.35 0.54
H42N NAI F . 9.03 16.66 2.07
H5N NAI F . 9.35 14.26 1.60
H6N NAI F . 11.32 13.70 2.46
C1 MLI G . -9.18 -6.67 15.95
C2 MLI G . -8.37 -5.83 14.97
C3 MLI G . -9.67 -7.96 15.26
O6 MLI G . -9.00 -4.95 14.37
O7 MLI G . -7.14 -6.09 14.85
O8 MLI G . -8.95 -8.37 14.33
O9 MLI G . -10.73 -8.45 15.70
H11 MLI G . -8.65 -6.90 16.74
H12 MLI G . -9.95 -6.17 16.28
PA NAI H . -15.04 -3.08 22.84
O1A NAI H . -16.07 -4.12 22.69
O2A NAI H . -14.28 -3.07 24.17
O5B NAI H . -15.63 -1.64 22.60
C5B NAI H . -16.97 -1.46 22.08
C4B NAI H . -17.48 -0.10 22.52
O4B NAI H . -18.47 0.28 21.54
C3B NAI H . -18.25 -0.24 23.84
O3B NAI H . -18.29 1.05 24.42
C2B NAI H . -19.66 -0.53 23.36
O2B NAI H . -20.55 0.03 24.32
C1B NAI H . -19.71 0.45 22.18
N9A NAI H . -20.74 0.08 21.22
C8A NAI H . -20.92 -1.13 20.61
N7A NAI H . -21.94 -1.17 19.78
C5A NAI H . -22.47 0.11 19.86
C6A NAI H . -23.57 0.73 19.23
N6A NAI H . -24.37 0.12 18.37
N1A NAI H . -23.82 2.02 19.53
C2A NAI H . -23.01 2.65 20.40
N3A NAI H . -21.95 2.18 21.06
C4A NAI H . -21.74 0.89 20.75
O3 NAI H . -13.95 -3.16 21.68
PN NAI H . -12.62 -2.39 21.28
O1N NAI H . -12.37 -1.31 22.34
O2N NAI H . -11.48 -3.33 21.10
O5D NAI H . -12.99 -1.71 19.92
C5D NAI H . -13.12 -0.28 19.81
C4D NAI H . -12.87 0.06 18.35
O4D NAI H . -11.52 -0.32 18.08
C3D NAI H . -13.72 -0.83 17.43
O3D NAI H . -13.95 0.01 16.28
C2D NAI H . -12.75 -1.93 17.02
O2D NAI H . -13.14 -2.26 15.70
C1D NAI H . -11.48 -1.11 16.90
N1N NAI H . -10.26 -1.91 16.93
C2N NAI H . -10.07 -2.88 17.87
C3N NAI H . -8.90 -3.58 17.95
C7N NAI H . -8.72 -4.52 19.05
O7N NAI H . -7.81 -5.37 19.04
N7N NAI H . -9.52 -4.42 20.10
C4N NAI H . -7.79 -3.37 16.97
C5N NAI H . -8.21 -2.41 15.91
C6N NAI H . -9.30 -1.68 15.99
H51A NAI H . -17.55 -2.16 22.42
H52A NAI H . -16.94 -1.49 21.11
H4B NAI H . -16.80 0.58 22.58
H3B NAI H . -17.88 -0.95 24.39
HO3A NAI H . -17.86 1.02 25.15
H2B NAI H . -19.81 -1.46 23.11
HO2A NAI H . -20.96 -0.62 24.68
H1B NAI H . -19.84 1.36 22.48
H8A NAI H . -20.38 -1.88 20.76
H61A NAI H . -24.49 -0.74 18.41
H62A NAI H . -24.78 0.57 17.76
H2A NAI H . -23.22 3.54 20.57
H51N NAI H . -14.02 0.00 20.07
H52N NAI H . -12.47 0.17 20.37
H4D NAI H . -13.01 0.99 18.15
H3D NAI H . -14.50 -1.20 17.86
HO3N NAI H . -14.70 0.40 16.40
H2D NAI H . -12.66 -2.67 17.64
HO2N NAI H . -13.53 -3.02 15.73
H1D NAI H . -11.48 -0.56 16.10
H2N NAI H . -10.75 -3.07 18.47
H71N NAI H . -9.44 -4.97 20.77
H72N NAI H . -10.15 -3.83 20.12
H4N NAI H . -7.56 -4.22 16.57
H42N NAI H . -7.02 -3.02 17.44
H5N NAI H . -7.68 -2.33 15.16
H6N NAI H . -9.41 -0.97 15.39
C1 MLI I . -15.18 5.57 -12.00
C2 MLI I . -15.63 6.68 -11.05
C3 MLI I . -13.81 5.02 -11.54
O6 MLI I . -14.74 7.15 -10.31
O7 MLI I . -16.84 7.00 -11.11
O8 MLI I . -12.80 5.72 -11.81
O9 MLI I . -13.82 3.91 -10.96
H11 MLI I . -15.11 5.90 -12.91
H12 MLI I . -15.82 4.85 -12.02
PA NAI J . -22.57 1.08 -16.44
O1A NAI J . -23.61 2.00 -15.95
O2A NAI J . -22.24 1.16 -17.93
O5B NAI J . -22.90 -0.44 -16.09
C5B NAI J . -23.91 -0.80 -15.14
C4B NAI J . -24.36 -2.21 -15.45
O4B NAI J . -24.81 -2.80 -14.21
C3B NAI J . -25.59 -2.17 -16.36
O3B NAI J . -25.59 -3.45 -16.99
C2B NAI J . -26.72 -2.18 -15.35
O2B NAI J . -27.81 -2.86 -15.97
C1B NAI J . -26.16 -3.17 -14.34
N9A NAI J . -26.78 -3.00 -13.03
C8A NAI J . -26.92 -1.83 -12.31
N7A NAI J . -27.54 -1.99 -11.17
C5A NAI J . -27.82 -3.34 -11.12
C6A NAI J . -28.46 -4.15 -10.15
N6A NAI J . -28.96 -3.68 -9.01
N1A NAI J . -28.59 -5.48 -10.41
C2A NAI J . -28.11 -5.94 -11.58
N3A NAI J . -27.48 -5.28 -12.55
C4A NAI J . -27.36 -3.97 -12.26
O3 NAI J . -21.20 1.28 -15.64
PN NAI J . -19.73 0.70 -15.74
O1N NAI J . -19.70 -0.28 -16.91
O2N NAI J . -18.75 1.83 -15.90
O5D NAI J . -19.53 0.02 -14.36
C5D NAI J . -19.39 -1.41 -14.25
C4D NAI J . -18.60 -1.63 -12.95
O4D NAI J . -17.28 -1.12 -13.20
C3D NAI J . -19.15 -0.73 -11.84
O3D NAI J . -18.88 -1.46 -10.64
C2D NAI J . -18.17 0.45 -11.82
O2D NAI J . -18.06 0.84 -10.45
C1D NAI J . -16.89 -0.30 -12.14
N1N NAI J . -15.84 0.59 -12.63
C2N NAI J . -16.11 1.56 -13.55
C3N NAI J . -15.19 2.46 -13.93
C7N NAI J . -15.57 3.42 -14.98
O7N NAI J . -14.81 4.36 -15.30
N7N NAI J . -16.75 3.27 -15.58
C4N NAI J . -13.79 2.40 -13.46
C5N NAI J . -13.68 1.40 -12.37
C6N NAI J . -14.57 0.45 -12.17
H51A NAI J . -23.55 -0.75 -14.24
H52A NAI J . -24.66 -0.19 -15.20
H4B NAI J . -23.65 -2.76 -15.82
H3B NAI J . -25.61 -1.40 -16.93
HO3A NAI J . -25.41 -3.32 -17.82
H2B NAI J . -26.93 -1.30 -14.98
HO2A NAI J . -28.42 -2.29 -16.12
H1B NAI J . -26.25 -4.08 -14.64
H8A NAI J . -26.61 -1.01 -12.62
H61A NAI J . -28.84 -2.85 -8.79
H62A NAI J . -29.39 -4.20 -8.48
H2A NAI J . -28.22 -6.85 -11.72
H51N NAI J . -20.26 -1.83 -14.19
H52N NAI J . -18.90 -1.77 -15.00
H4D NAI J . -18.56 -2.55 -12.67
H3D NAI J . -20.06 -0.44 -12.00
HO3N NAI J . -18.23 -1.96 -10.79
H2D NAI J . -18.38 1.16 -12.45
HO2N NAI J . -17.29 0.58 -10.18
H1D NAI J . -16.56 -0.79 -11.38
H2N NAI J . -16.97 1.59 -13.92
H71N NAI J . -17.28 2.62 -15.35
H72N NAI J . -16.99 3.82 -16.19
H4N NAI J . -13.20 2.15 -14.20
H42N NAI J . -13.53 3.27 -13.13
H5N NAI J . -12.95 1.45 -11.80
H6N NAI J . -14.33 -0.33 -11.71
C1 MLI K . 12.77 -14.31 -2.64
C2 MLI K . 13.54 -14.05 -1.36
C3 MLI K . 11.61 -13.30 -2.74
O6 MLI K . 12.87 -13.51 -0.45
O7 MLI K . 14.75 -14.42 -1.32
O8 MLI K . 11.84 -12.24 -3.35
O9 MLI K . 10.52 -13.64 -2.19
H11 MLI K . 12.41 -15.21 -2.66
H12 MLI K . 13.34 -14.21 -3.43
C1 EDO L . 16.19 -7.43 -10.09
O1 EDO L . 15.85 -6.58 -8.99
C2 EDO L . 15.56 -6.93 -11.37
O2 EDO L . 16.10 -5.63 -11.73
H11 EDO L . 17.28 -7.46 -10.21
H12 EDO L . 15.85 -8.45 -9.88
HO1 EDO L . 16.25 -6.94 -8.17
H21 EDO L . 15.75 -7.64 -12.18
H22 EDO L . 14.47 -6.85 -11.24
HO2 EDO L . 15.69 -5.32 -12.54
PA NAI M . 18.39 -17.60 -9.78
O1A NAI M . 19.60 -17.72 -8.92
O2A NAI M . 17.73 -18.93 -10.16
O5B NAI M . 18.69 -16.80 -11.12
C5B NAI M . 19.71 -15.79 -11.17
C4B NAI M . 19.97 -15.46 -12.63
O4B NAI M . 20.62 -14.16 -12.65
C3B NAI M . 20.99 -16.43 -13.22
O3B NAI M . 20.74 -16.40 -14.61
C2B NAI M . 22.31 -15.69 -13.01
O2B NAI M . 23.16 -16.05 -14.08
C1B NAI M . 21.84 -14.28 -13.33
N9A NAI M . 22.75 -13.28 -12.78
C8A NAI M . 23.17 -13.16 -11.48
N7A NAI M . 23.98 -12.15 -11.28
C5A NAI M . 24.10 -11.56 -12.53
C6A NAI M . 24.82 -10.44 -12.99
N6A NAI M . 25.61 -9.68 -12.21
N1A NAI M . 24.72 -10.12 -14.30
C2A NAI M . 23.94 -10.88 -15.09
N3A NAI M . 23.22 -11.95 -14.77
C4A NAI M . 23.34 -12.24 -13.47
O3 NAI M . 17.30 -16.68 -9.08
PN NAI M . 15.75 -16.32 -9.30
O1N NAI M . 15.37 -16.96 -10.64
O2N NAI M . 15.06 -16.82 -8.07
O5D NAI M . 15.78 -14.80 -9.42
C5D NAI M . 15.40 -14.13 -10.64
C4D NAI M . 14.84 -12.79 -10.19
O4D NAI M . 13.62 -13.08 -9.48
C3D NAI M . 15.78 -12.17 -9.13
O3D NAI M . 15.66 -10.75 -9.29
C2D NAI M . 15.07 -12.49 -7.82
O2D NAI M . 15.32 -11.36 -7.00
C1D NAI M . 13.63 -12.35 -8.28
N1N NAI M . 12.67 -12.97 -7.37
C2N NAI M . 12.85 -14.25 -6.91
C3N NAI M . 11.92 -14.85 -6.13
C7N NAI M . 12.11 -16.24 -5.76
O7N NAI M . 11.44 -16.76 -4.84
N7N NAI M . 12.99 -16.96 -6.45
C4N NAI M . 10.66 -14.16 -5.73
C5N NAI M . 10.70 -12.73 -6.12
C6N NAI M . 11.57 -12.25 -6.99
H51A NAI M . 19.41 -14.99 -10.71
H52A NAI M . 20.53 -16.11 -10.76
H4B NAI M . 19.16 -15.43 -13.15
H3B NAI M . 20.98 -17.30 -12.78
HO3A NAI M . 20.44 -17.16 -14.84
H2B NAI M . 22.68 -15.80 -12.12
HO2A NAI M . 23.77 -16.56 -13.77
H1B NAI M . 21.73 -14.14 -14.30
H8A NAI M . 22.91 -13.75 -10.80
H61A NAI M . 25.43 -8.84 -12.12
H62A NAI M . 26.27 -10.04 -11.80
H2A NAI M . 23.90 -10.62 -15.98
H51N NAI M . 16.17 -14.00 -11.21
H52N NAI M . 14.72 -14.64 -11.11
H4D NAI M . 14.67 -12.17 -10.91
H3D NAI M . 16.67 -12.54 -9.19
HO3N NAI M . 15.87 -10.57 -10.09
H2D NAI M . 15.27 -13.36 -7.44
HO2N NAI M . 14.58 -11.14 -6.64
H1D NAI M . 13.38 -11.42 -8.39
H2N NAI M . 13.62 -14.71 -7.14
H71N NAI M . 13.13 -17.78 -6.27
H72N NAI M . 13.45 -16.60 -7.09
H4N NAI M . 10.55 -14.23 -4.78
H42N NAI M . 9.91 -14.59 -6.18
H5N NAI M . 10.09 -12.14 -5.74
H6N NAI M . 11.44 -11.41 -7.35
#